data_1UKC
#
_entry.id   1UKC
#
_cell.length_a   167.489
_cell.length_b   167.489
_cell.length_c   112.827
_cell.angle_alpha   90.00
_cell.angle_beta   90.00
_cell.angle_gamma   120.00
#
_symmetry.space_group_name_H-M   'P 63'
#
loop_
_entity.id
_entity.type
_entity.pdbx_description
1 polymer EstA
2 branched alpha-D-mannopyranose-(1-4)-2-acetamido-2-deoxy-beta-D-glucopyranose-(1-4)-2-acetamido-2-deoxy-beta-D-glucopyranose
3 branched 2-acetamido-2-deoxy-beta-D-glucopyranose-(1-4)-2-acetamido-2-deoxy-beta-D-glucopyranose
4 non-polymer 2-acetamido-2-deoxy-beta-D-glucopyranose
5 non-polymer alpha-D-mannopyranose
6 non-polymer 'SULFATE ION'
7 non-polymer 'CHLORIDE ION'
8 non-polymer 1,2-ETHANEDIOL
9 water water
#
_entity_poly.entity_id   1
_entity_poly.type   'polypeptide(L)'
_entity_poly.pdbx_seq_one_letter_code
;LPTQASHNAQPVINLGYARYQGVRLEAGVDEFLGMRYASPPIGDLRFRAPQDPPANQTLQSATEYGPICIGLDEEESPGD
ISEDCLFINVFKPSTATSQSKLPVWLFIQGGGYAENSNANYNGTQVIQASDDVIVFVTFNYRVGALGFLASEKVRQNGDL
NAGLLDQRKALRWVKQYIEQFGGDPDHIVIHGVSAGAGSVAYHLSAYGGKDEGLFIGAIVESSFWPTQRTVSEMEFQFER
FVNDTGCSSARDSLECLREQDIATIQKGNTGSPFPGGSSSPLPDWYFLPVTDGSLVPDELYNAFDAGNFIKVPVLVGDDT
DEGSNFAYNASSSADVSRFFKNNYPNLTSQQLNEINQVYPRGKLLPRHAAYFGASSAAYGDATFTCPGNHVASSAARYLP
NSVWNYRVNIIDESNIAGGIGVPHTFELPAIFGAGSTGTLSSDSSYLTYNAAIIPVTMHYFISFVQTLNPNTYRYATAPE
WNTWGNGQRLRLQTNDTAMEAVPESSLQDCAFWKSLTVPMEV
;
_entity_poly.pdbx_strand_id   A,B
#
# COMPACT_ATOMS: atom_id res chain seq x y z
N SER A 6 2.33 -43.93 37.76
CA SER A 6 2.19 -42.44 37.71
C SER A 6 1.71 -41.94 36.34
N HIS A 7 1.17 -42.81 35.48
CA HIS A 7 0.69 -42.36 34.15
C HIS A 7 -0.58 -41.52 34.28
N ASN A 8 -1.23 -41.57 35.45
CA ASN A 8 -2.28 -40.60 35.76
C ASN A 8 -1.74 -39.18 36.08
N ALA A 9 -0.40 -39.04 36.11
CA ALA A 9 0.26 -37.76 36.46
C ALA A 9 1.43 -37.36 35.54
N GLN A 10 2.30 -38.32 35.21
CA GLN A 10 3.42 -38.15 34.26
C GLN A 10 3.11 -39.02 33.08
N PRO A 11 2.66 -38.40 32.00
CA PRO A 11 2.02 -39.17 30.91
C PRO A 11 3.01 -40.06 30.19
N VAL A 12 2.56 -41.27 29.87
CA VAL A 12 3.35 -42.25 29.15
C VAL A 12 2.55 -42.61 27.93
N ILE A 13 3.21 -42.71 26.80
CA ILE A 13 2.58 -43.16 25.58
C ILE A 13 3.34 -44.37 25.08
N ASN A 14 2.58 -45.39 24.70
CA ASN A 14 3.13 -46.66 24.28
C ASN A 14 2.88 -46.77 22.79
N LEU A 15 3.97 -46.74 22.01
CA LEU A 15 3.92 -46.86 20.55
C LEU A 15 4.32 -48.25 20.07
N GLY A 16 4.49 -49.20 20.99
CA GLY A 16 4.86 -50.57 20.61
C GLY A 16 6.35 -50.73 20.45
N TYR A 17 6.96 -50.04 19.49
CA TYR A 17 8.41 -50.04 19.33
C TYR A 17 9.12 -49.37 20.52
N ALA A 18 8.48 -48.36 21.11
CA ALA A 18 9.03 -47.65 22.26
C ALA A 18 7.90 -47.10 23.12
N ARG A 19 8.21 -46.85 24.38
CA ARG A 19 7.33 -46.12 25.26
C ARG A 19 8.04 -44.85 25.71
N TYR A 20 7.32 -43.74 25.67
CA TYR A 20 7.88 -42.44 26.00
C TYR A 20 7.19 -41.84 27.23
N GLN A 21 7.98 -41.28 28.14
CA GLN A 21 7.44 -40.52 29.27
C GLN A 21 7.59 -39.03 29.01
N GLY A 22 6.45 -38.33 28.98
CA GLY A 22 6.43 -36.91 28.67
C GLY A 22 6.25 -36.02 29.90
N VAL A 23 5.79 -34.79 29.66
CA VAL A 23 5.65 -33.75 30.68
C VAL A 23 4.20 -33.26 30.68
N ARG A 24 3.61 -33.14 31.86
CA ARG A 24 2.28 -32.56 31.99
C ARG A 24 2.45 -31.10 32.42
N LEU A 25 1.82 -30.19 31.70
CA LEU A 25 1.86 -28.77 32.05
C LEU A 25 0.59 -28.39 32.79
N GLU A 26 0.73 -27.41 33.68
CA GLU A 26 -0.43 -26.80 34.34
C GLU A 26 -1.42 -26.23 33.31
N ALA A 27 -0.92 -25.81 32.15
CA ALA A 27 -1.80 -25.41 31.04
C ALA A 27 -2.83 -26.46 30.55
N GLY A 28 -2.71 -27.70 31.01
CA GLY A 28 -3.61 -28.76 30.55
C GLY A 28 -3.16 -29.33 29.21
N VAL A 29 -1.86 -29.20 28.93
CA VAL A 29 -1.24 -29.76 27.73
C VAL A 29 -0.14 -30.73 28.18
N ASP A 30 -0.03 -31.87 27.51
CA ASP A 30 1.09 -32.80 27.73
C ASP A 30 2.05 -32.68 26.56
N GLU A 31 3.34 -32.69 26.85
CA GLU A 31 4.39 -32.61 25.83
C GLU A 31 5.21 -33.88 25.76
N PHE A 32 5.49 -34.32 24.54
CA PHE A 32 6.38 -35.45 24.30
C PHE A 32 7.47 -34.97 23.36
N LEU A 33 8.65 -34.74 23.90
CA LEU A 33 9.72 -34.08 23.17
C LEU A 33 10.87 -35.02 22.93
N GLY A 34 11.49 -34.91 21.78
CA GLY A 34 12.66 -35.70 21.46
C GLY A 34 12.39 -37.18 21.22
N MET A 35 11.27 -37.51 20.59
CA MET A 35 11.03 -38.89 20.19
C MET A 35 11.71 -39.16 18.86
N ARG A 36 12.09 -40.42 18.61
CA ARG A 36 12.79 -40.75 17.37
C ARG A 36 11.81 -41.26 16.33
N TYR A 37 11.83 -40.68 15.15
CA TYR A 37 10.97 -41.19 14.08
C TYR A 37 11.77 -41.99 13.04
N ALA A 38 13.08 -42.02 13.23
CA ALA A 38 14.00 -42.71 12.33
C ALA A 38 15.28 -43.05 13.09
N SER A 39 16.11 -43.96 12.53
CA SER A 39 17.43 -44.25 13.10
C SER A 39 18.34 -43.07 12.88
N PRO A 40 19.32 -42.86 13.75
CA PRO A 40 20.32 -41.80 13.52
C PRO A 40 21.00 -41.97 12.15
N PRO A 41 21.01 -40.91 11.33
CA PRO A 41 21.57 -40.95 9.97
C PRO A 41 23.09 -40.78 9.98
N ILE A 42 23.75 -41.66 10.72
CA ILE A 42 25.20 -41.59 10.95
C ILE A 42 25.90 -42.84 10.37
N GLY A 43 27.22 -42.75 10.20
CA GLY A 43 27.98 -43.87 9.63
C GLY A 43 27.50 -44.16 8.23
N ASP A 44 27.14 -45.42 7.99
CA ASP A 44 26.62 -45.86 6.68
C ASP A 44 25.28 -45.24 6.27
N LEU A 45 24.54 -44.68 7.23
CA LEU A 45 23.22 -44.14 6.95
C LEU A 45 23.28 -42.68 6.56
N ARG A 46 24.49 -42.12 6.60
CA ARG A 46 24.73 -40.78 6.13
C ARG A 46 24.49 -40.78 4.61
N PHE A 47 23.82 -39.73 4.10
CA PHE A 47 23.43 -39.60 2.68
C PHE A 47 22.51 -40.71 2.18
N ARG A 48 21.81 -41.38 3.12
CA ARG A 48 20.81 -42.38 2.78
C ARG A 48 19.45 -41.94 3.30
N ALA A 49 18.40 -42.49 2.69
CA ALA A 49 17.03 -42.35 3.17
C ALA A 49 16.97 -42.71 4.65
N PRO A 50 16.04 -42.13 5.42
CA PRO A 50 15.89 -42.48 6.83
C PRO A 50 15.40 -43.93 6.99
N GLN A 51 15.88 -44.63 8.02
CA GLN A 51 15.42 -46.00 8.30
C GLN A 51 14.59 -46.00 9.59
N ASP A 52 13.77 -47.03 9.80
CA ASP A 52 12.93 -47.14 10.99
C ASP A 52 13.73 -46.89 12.27
N PRO A 53 13.12 -46.27 13.29
CA PRO A 53 13.79 -46.10 14.58
C PRO A 53 13.92 -47.49 15.25
N PRO A 54 14.90 -47.67 16.13
CA PRO A 54 15.15 -49.00 16.71
C PRO A 54 14.08 -49.31 17.76
N ALA A 55 13.58 -50.53 17.75
CA ALA A 55 12.73 -51.01 18.83
C ALA A 55 13.54 -50.96 20.12
N ASN A 56 12.91 -50.54 21.21
CA ASN A 56 13.58 -50.45 22.49
C ASN A 56 12.63 -50.56 23.67
N GLN A 57 12.92 -51.52 24.55
CA GLN A 57 12.04 -51.87 25.65
C GLN A 57 12.24 -50.98 26.88
N THR A 58 13.43 -50.40 27.03
CA THR A 58 13.64 -49.46 28.12
C THR A 58 12.72 -48.21 27.92
N LEU A 59 12.14 -47.71 29.01
CA LEU A 59 11.40 -46.46 28.98
C LEU A 59 12.26 -45.34 28.35
N GLN A 60 11.71 -44.63 27.37
CA GLN A 60 12.42 -43.50 26.77
C GLN A 60 11.96 -42.18 27.37
N SER A 61 12.92 -41.32 27.73
CA SER A 61 12.56 -39.97 28.15
C SER A 61 12.08 -39.13 26.97
N ALA A 62 10.92 -38.49 27.14
CA ALA A 62 10.45 -37.48 26.18
C ALA A 62 10.20 -36.15 26.89
N THR A 63 11.11 -35.79 27.79
CA THR A 63 10.97 -34.56 28.57
C THR A 63 11.86 -33.43 28.06
N GLU A 64 12.68 -33.70 27.06
CA GLU A 64 13.62 -32.72 26.56
C GLU A 64 13.76 -32.84 25.05
N TYR A 65 13.90 -31.70 24.37
CA TYR A 65 14.18 -31.72 22.94
C TYR A 65 15.52 -32.43 22.64
N GLY A 66 15.57 -33.18 21.53
CA GLY A 66 16.83 -33.61 20.94
C GLY A 66 17.50 -32.44 20.21
N PRO A 67 18.76 -32.60 19.82
CA PRO A 67 19.42 -31.57 19.01
C PRO A 67 18.76 -31.43 17.64
N ILE A 68 18.88 -30.24 17.06
CA ILE A 68 18.45 -30.01 15.68
C ILE A 68 19.55 -30.45 14.71
N CYS A 69 19.21 -30.56 13.43
CA CYS A 69 20.11 -31.07 12.43
C CYS A 69 21.20 -30.05 12.10
N ILE A 70 22.46 -30.50 12.16
CA ILE A 70 23.58 -29.62 11.84
C ILE A 70 23.49 -29.21 10.36
N GLY A 71 23.61 -27.92 10.10
CA GLY A 71 23.43 -27.41 8.75
C GLY A 71 24.66 -26.70 8.22
N LEU A 72 24.48 -26.05 7.06
CA LEU A 72 25.53 -25.31 6.39
C LEU A 72 26.26 -24.36 7.34
N ASP A 73 27.59 -24.47 7.35
CA ASP A 73 28.47 -23.62 8.19
C ASP A 73 28.27 -23.69 9.70
N GLU A 74 27.52 -24.67 10.19
CA GLU A 74 27.29 -24.79 11.62
C GLU A 74 28.30 -25.74 12.28
N GLU A 75 28.31 -25.73 13.61
CA GLU A 75 29.28 -26.47 14.43
C GLU A 75 28.51 -27.40 15.35
N GLU A 76 28.98 -28.64 15.54
CA GLU A 76 28.32 -29.55 16.49
C GLU A 76 28.35 -28.97 17.89
N SER A 77 27.25 -29.11 18.61
CA SER A 77 27.16 -28.70 19.99
C SER A 77 26.30 -29.72 20.75
N PRO A 78 26.92 -30.46 21.68
CA PRO A 78 26.24 -31.53 22.45
C PRO A 78 24.86 -31.14 22.93
N GLY A 79 23.85 -31.92 22.53
CA GLY A 79 22.48 -31.68 22.94
C GLY A 79 21.74 -30.61 22.15
N ASP A 80 22.48 -29.77 21.42
CA ASP A 80 21.92 -28.63 20.70
C ASP A 80 21.87 -28.80 19.16
N ILE A 81 23.00 -29.14 18.56
CA ILE A 81 23.15 -29.26 17.11
C ILE A 81 24.01 -30.49 16.80
N SER A 82 23.50 -31.38 15.95
CA SER A 82 24.11 -32.70 15.78
C SER A 82 23.69 -33.35 14.45
N GLU A 83 24.49 -34.32 14.00
CA GLU A 83 24.07 -35.24 12.92
C GLU A 83 22.89 -36.09 13.40
N ASP A 84 22.91 -36.50 14.67
CA ASP A 84 21.88 -37.34 15.24
C ASP A 84 20.69 -36.45 15.66
N CYS A 85 19.78 -36.22 14.72
CA CYS A 85 18.82 -35.12 14.86
C CYS A 85 17.39 -35.44 14.42
N LEU A 86 17.13 -36.66 13.98
CA LEU A 86 15.80 -37.01 13.46
C LEU A 86 14.78 -37.24 14.59
N PHE A 87 14.34 -36.13 15.19
CA PHE A 87 13.39 -36.18 16.30
C PHE A 87 12.05 -35.59 15.95
N ILE A 88 11.01 -36.06 16.64
CA ILE A 88 9.65 -35.57 16.47
C ILE A 88 9.10 -35.26 17.86
N ASN A 89 8.24 -34.25 17.94
CA ASN A 89 7.73 -33.73 19.19
C ASN A 89 6.22 -33.56 19.09
N VAL A 90 5.48 -33.96 20.11
CA VAL A 90 4.01 -33.90 20.07
C VAL A 90 3.47 -33.17 21.31
N PHE A 91 2.53 -32.26 21.06
CA PHE A 91 1.78 -31.59 22.13
C PHE A 91 0.34 -32.04 22.03
N LYS A 92 -0.26 -32.43 23.15
CA LYS A 92 -1.66 -32.88 23.14
C LYS A 92 -2.39 -32.33 24.37
N PRO A 93 -3.70 -32.16 24.30
CA PRO A 93 -4.47 -31.84 25.51
C PRO A 93 -4.22 -32.96 26.52
N SER A 94 -3.99 -32.60 27.78
CA SER A 94 -3.80 -33.61 28.82
C SER A 94 -4.94 -34.63 28.89
N THR A 95 -6.19 -34.19 28.69
CA THR A 95 -7.36 -35.08 28.86
C THR A 95 -7.59 -35.99 27.66
N ALA A 96 -6.89 -35.70 26.55
CA ALA A 96 -7.08 -36.49 25.33
C ALA A 96 -6.57 -37.93 25.50
N THR A 97 -7.32 -38.88 24.94
CA THR A 97 -6.91 -40.29 24.92
C THR A 97 -6.85 -40.78 23.49
N SER A 98 -6.51 -42.05 23.31
CA SER A 98 -6.44 -42.66 21.98
C SER A 98 -7.79 -42.64 21.23
N GLN A 99 -8.89 -42.43 21.97
CA GLN A 99 -10.24 -42.35 21.40
C GLN A 99 -10.64 -40.92 20.99
N SER A 100 -9.85 -39.93 21.41
CA SER A 100 -10.20 -38.53 21.14
C SER A 100 -10.30 -38.13 19.66
N LYS A 101 -9.41 -38.64 18.82
CA LYS A 101 -9.44 -38.35 17.37
C LYS A 101 -9.54 -36.84 17.06
N LEU A 102 -8.57 -36.09 17.57
CA LEU A 102 -8.50 -34.64 17.37
C LEU A 102 -7.80 -34.28 16.06
N PRO A 103 -8.21 -33.20 15.41
CA PRO A 103 -7.46 -32.66 14.28
C PRO A 103 -5.98 -32.48 14.66
N VAL A 104 -5.11 -32.83 13.72
CA VAL A 104 -3.66 -32.76 13.91
C VAL A 104 -3.07 -31.65 13.03
N TRP A 105 -2.16 -30.88 13.63
CA TRP A 105 -1.44 -29.80 12.98
C TRP A 105 0.03 -30.23 12.91
N LEU A 106 0.50 -30.55 11.71
CA LEU A 106 1.84 -31.08 11.54
C LEU A 106 2.71 -29.99 10.90
N PHE A 107 3.66 -29.48 11.68
CA PHE A 107 4.40 -28.26 11.29
C PHE A 107 5.75 -28.63 10.70
N ILE A 108 6.04 -28.09 9.51
CA ILE A 108 7.33 -28.32 8.87
C ILE A 108 8.13 -27.00 8.84
N GLN A 109 9.22 -26.96 9.61
CA GLN A 109 10.07 -25.80 9.75
C GLN A 109 10.85 -25.45 8.47
N GLY A 110 11.36 -24.21 8.40
CA GLY A 110 12.15 -23.73 7.29
C GLY A 110 13.64 -23.64 7.64
N GLY A 111 14.34 -22.74 6.96
CA GLY A 111 15.80 -22.73 7.04
C GLY A 111 16.49 -22.86 5.68
N GLY A 112 15.74 -22.68 4.60
CA GLY A 112 16.30 -22.60 3.25
C GLY A 112 16.90 -23.92 2.74
N TYR A 113 16.54 -25.03 3.38
CA TYR A 113 17.17 -26.36 3.16
C TYR A 113 18.64 -26.40 3.59
N ALA A 114 19.07 -25.34 4.30
CA ALA A 114 20.46 -25.18 4.75
C ALA A 114 20.58 -25.35 6.26
N GLU A 115 19.52 -24.98 6.99
CA GLU A 115 19.48 -25.06 8.46
C GLU A 115 18.10 -25.53 8.93
N ASN A 116 18.00 -25.95 10.19
CA ASN A 116 16.69 -26.08 10.81
C ASN A 116 16.39 -24.74 11.49
N SER A 117 15.61 -23.87 10.85
CA SER A 117 15.46 -22.50 11.38
C SER A 117 14.14 -22.14 12.09
N ASN A 118 13.21 -23.08 12.21
CA ASN A 118 11.99 -22.85 13.02
C ASN A 118 11.71 -24.02 13.95
N ALA A 119 12.74 -24.45 14.67
CA ALA A 119 12.68 -25.69 15.41
C ALA A 119 12.09 -25.49 16.81
N ASN A 120 11.49 -26.54 17.34
CA ASN A 120 11.07 -26.59 18.75
C ASN A 120 10.03 -25.52 19.10
N TYR A 121 9.12 -25.23 18.19
CA TYR A 121 8.06 -24.25 18.45
C TYR A 121 7.06 -24.87 19.42
N ASN A 122 6.55 -24.04 20.31
CA ASN A 122 5.66 -24.51 21.37
C ASN A 122 4.21 -24.53 20.91
N GLY A 123 3.55 -25.69 21.04
CA GLY A 123 2.14 -25.77 20.66
C GLY A 123 1.15 -25.49 21.77
N THR A 124 1.61 -25.11 22.97
CA THR A 124 0.69 -24.94 24.10
C THR A 124 -0.42 -23.89 23.86
N GLN A 125 -0.04 -22.72 23.35
CA GLN A 125 -0.98 -21.63 23.18
C GLN A 125 -2.04 -21.95 22.12
N VAL A 126 -1.62 -22.57 21.02
CA VAL A 126 -2.61 -22.95 20.01
C VAL A 126 -3.58 -24.02 20.54
N ILE A 127 -3.08 -24.94 21.35
CA ILE A 127 -3.99 -25.95 21.89
C ILE A 127 -5.00 -25.31 22.84
N GLN A 128 -4.52 -24.44 23.72
CA GLN A 128 -5.43 -23.73 24.62
C GLN A 128 -6.43 -22.85 23.86
N ALA A 129 -5.97 -22.12 22.84
CA ALA A 129 -6.86 -21.25 22.04
C ALA A 129 -7.94 -22.03 21.29
N SER A 130 -7.63 -23.28 20.91
CA SER A 130 -8.59 -24.16 20.24
C SER A 130 -9.68 -24.68 21.19
N ASP A 131 -9.52 -24.39 22.48
CA ASP A 131 -10.36 -24.97 23.53
C ASP A 131 -10.00 -26.45 23.71
N ASP A 132 -8.71 -26.74 23.55
CA ASP A 132 -8.14 -28.03 23.90
C ASP A 132 -8.56 -29.20 23.05
N VAL A 133 -8.66 -28.98 21.74
CA VAL A 133 -9.18 -30.02 20.87
C VAL A 133 -8.37 -30.16 19.60
N ILE A 134 -7.08 -29.82 19.67
CA ILE A 134 -6.14 -30.15 18.60
C ILE A 134 -4.84 -30.73 19.13
N VAL A 135 -4.09 -31.37 18.24
CA VAL A 135 -2.79 -31.93 18.56
C VAL A 135 -1.74 -31.31 17.63
N PHE A 136 -0.58 -30.95 18.17
CA PHE A 136 0.41 -30.21 17.39
C PHE A 136 1.73 -30.97 17.36
N VAL A 137 2.36 -31.01 16.18
CA VAL A 137 3.53 -31.88 15.94
C VAL A 137 4.62 -31.10 15.23
N THR A 138 5.88 -31.23 15.71
CA THR A 138 7.01 -30.60 15.03
C THR A 138 8.09 -31.65 14.91
N PHE A 139 9.11 -31.38 14.10
CA PHE A 139 10.19 -32.36 13.87
C PHE A 139 11.35 -31.73 13.13
N ASN A 140 12.51 -32.40 13.16
CA ASN A 140 13.68 -31.93 12.41
C ASN A 140 13.92 -32.84 11.22
N TYR A 141 14.52 -32.29 10.17
CA TYR A 141 14.90 -33.06 8.99
C TYR A 141 16.27 -32.54 8.55
N ARG A 142 17.04 -33.37 7.83
CA ARG A 142 18.41 -33.04 7.45
C ARG A 142 18.46 -31.95 6.40
N VAL A 143 19.56 -31.21 6.42
CA VAL A 143 19.74 -29.99 5.65
C VAL A 143 21.21 -29.88 5.25
N GLY A 144 21.52 -28.86 4.46
CA GLY A 144 22.85 -28.64 3.93
C GLY A 144 23.35 -29.89 3.23
N ALA A 145 24.66 -30.12 3.30
CA ALA A 145 25.27 -31.27 2.61
C ALA A 145 24.69 -32.60 3.06
N LEU A 146 24.39 -32.72 4.35
CA LEU A 146 23.91 -33.98 4.90
C LEU A 146 22.51 -34.34 4.41
N GLY A 147 21.69 -33.32 4.10
CA GLY A 147 20.34 -33.57 3.65
C GLY A 147 20.19 -33.53 2.14
N PHE A 148 21.11 -32.82 1.47
CA PHE A 148 20.93 -32.53 0.06
C PHE A 148 22.17 -32.74 -0.84
N LEU A 149 23.09 -33.61 -0.44
CA LEU A 149 24.17 -33.97 -1.34
C LEU A 149 23.53 -34.61 -2.56
N ALA A 150 23.93 -34.18 -3.75
CA ALA A 150 23.37 -34.70 -5.00
C ALA A 150 24.44 -35.10 -6.02
N SER A 151 24.36 -36.35 -6.47
CA SER A 151 25.31 -36.92 -7.45
C SER A 151 24.73 -38.24 -7.87
N GLU A 152 25.08 -38.69 -9.07
CA GLU A 152 24.84 -40.08 -9.44
C GLU A 152 25.45 -41.04 -8.41
N LYS A 153 26.61 -40.68 -7.85
CA LYS A 153 27.24 -41.52 -6.82
C LYS A 153 26.42 -41.60 -5.52
N VAL A 154 25.72 -40.51 -5.15
CA VAL A 154 24.79 -40.55 -4.02
C VAL A 154 23.66 -41.54 -4.33
N ARG A 155 23.07 -41.36 -5.50
CA ARG A 155 21.91 -42.12 -5.93
C ARG A 155 22.21 -43.62 -6.15
N GLN A 156 23.45 -43.94 -6.48
CA GLN A 156 23.81 -45.34 -6.71
C GLN A 156 24.07 -46.10 -5.43
N ASN A 157 24.35 -45.38 -4.35
CA ASN A 157 24.59 -45.99 -3.04
C ASN A 157 24.17 -45.02 -1.94
N GLY A 158 22.88 -44.71 -1.94
CA GLY A 158 22.34 -43.68 -1.09
C GLY A 158 21.06 -43.20 -1.74
N ASP A 159 20.64 -42.00 -1.36
CA ASP A 159 19.37 -41.44 -1.82
C ASP A 159 19.47 -39.93 -1.94
N LEU A 160 18.91 -39.43 -3.03
CA LEU A 160 18.84 -38.01 -3.30
C LEU A 160 17.77 -37.38 -2.40
N ASN A 161 17.87 -36.07 -2.19
CA ASN A 161 16.86 -35.34 -1.43
C ASN A 161 16.59 -36.01 -0.08
N ALA A 162 17.63 -36.48 0.58
CA ALA A 162 17.48 -37.19 1.85
C ALA A 162 16.65 -36.37 2.85
N GLY A 163 16.86 -35.06 2.89
CA GLY A 163 16.14 -34.20 3.81
C GLY A 163 14.63 -34.21 3.62
N LEU A 164 14.19 -34.23 2.37
CA LEU A 164 12.77 -34.38 2.04
C LEU A 164 12.26 -35.79 2.37
N LEU A 165 13.08 -36.81 2.15
CA LEU A 165 12.74 -38.18 2.54
C LEU A 165 12.58 -38.28 4.07
N ASP A 166 13.36 -37.51 4.82
CA ASP A 166 13.13 -37.42 6.28
C ASP A 166 11.69 -36.93 6.53
N GLN A 167 11.30 -35.87 5.85
CA GLN A 167 9.95 -35.35 6.00
C GLN A 167 8.88 -36.41 5.65
N ARG A 168 9.10 -37.17 4.57
CA ARG A 168 8.18 -38.28 4.21
C ARG A 168 8.07 -39.27 5.36
N LYS A 169 9.21 -39.64 5.93
CA LYS A 169 9.24 -40.55 7.08
C LYS A 169 8.45 -40.01 8.27
N ALA A 170 8.63 -38.71 8.56
CA ALA A 170 7.91 -38.07 9.66
C ALA A 170 6.40 -38.02 9.42
N LEU A 171 6.00 -37.67 8.19
CA LEU A 171 4.58 -37.72 7.80
C LEU A 171 3.98 -39.11 8.01
N ARG A 172 4.71 -40.16 7.62
CA ARG A 172 4.26 -41.53 7.82
C ARG A 172 4.27 -41.92 9.30
N TRP A 173 5.22 -41.39 10.06
CA TRP A 173 5.24 -41.63 11.50
C TRP A 173 3.96 -41.11 12.18
N VAL A 174 3.57 -39.88 11.84
CA VAL A 174 2.34 -39.29 12.36
C VAL A 174 1.12 -40.13 11.95
N LYS A 175 1.05 -40.48 10.66
CA LYS A 175 -0.05 -41.33 10.20
C LYS A 175 -0.13 -42.63 11.01
N GLN A 176 1.00 -43.29 11.23
CA GLN A 176 1.00 -44.55 11.95
C GLN A 176 0.76 -44.41 13.48
N TYR A 177 1.26 -43.34 14.09
CA TYR A 177 1.30 -43.29 15.57
C TYR A 177 0.46 -42.21 16.27
N ILE A 178 0.02 -41.17 15.55
CA ILE A 178 -0.61 -40.03 16.23
C ILE A 178 -1.91 -40.38 16.96
N GLU A 179 -2.54 -41.47 16.54
CA GLU A 179 -3.75 -41.92 17.22
C GLU A 179 -3.51 -42.15 18.72
N GLN A 180 -2.32 -42.64 19.07
CA GLN A 180 -1.95 -42.88 20.46
C GLN A 180 -1.81 -41.59 21.29
N PHE A 181 -1.61 -40.46 20.61
CA PHE A 181 -1.55 -39.16 21.29
C PHE A 181 -2.88 -38.42 21.25
N GLY A 182 -3.96 -39.11 20.89
CA GLY A 182 -5.26 -38.47 20.77
C GLY A 182 -5.53 -37.80 19.42
N GLY A 183 -4.61 -37.95 18.46
CA GLY A 183 -4.81 -37.36 17.15
C GLY A 183 -5.67 -38.25 16.26
N ASP A 184 -6.27 -37.68 15.22
CA ASP A 184 -7.00 -38.43 14.21
C ASP A 184 -6.10 -38.57 13.00
N PRO A 185 -5.61 -39.79 12.71
CA PRO A 185 -4.73 -40.02 11.55
C PRO A 185 -5.44 -39.72 10.23
N ASP A 186 -6.77 -39.68 10.25
CA ASP A 186 -7.52 -39.31 9.06
C ASP A 186 -7.85 -37.81 9.02
N HIS A 187 -7.27 -37.05 9.94
CA HIS A 187 -7.45 -35.60 9.96
C HIS A 187 -6.15 -34.84 10.25
N ILE A 188 -5.18 -35.02 9.37
CA ILE A 188 -3.90 -34.33 9.47
C ILE A 188 -3.83 -33.19 8.47
N VAL A 189 -3.44 -32.01 8.96
CA VAL A 189 -3.14 -30.89 8.11
C VAL A 189 -1.64 -30.61 8.22
N ILE A 190 -0.95 -30.59 7.08
CA ILE A 190 0.46 -30.18 7.06
C ILE A 190 0.60 -28.67 6.88
N HIS A 191 1.51 -28.08 7.66
CA HIS A 191 1.75 -26.64 7.64
C HIS A 191 3.25 -26.44 7.47
N GLY A 192 3.66 -25.88 6.33
CA GLY A 192 5.07 -25.62 6.09
C GLY A 192 5.32 -24.13 6.05
N VAL A 193 6.43 -23.69 6.64
CA VAL A 193 6.84 -22.28 6.55
C VAL A 193 8.18 -22.18 5.80
N SER A 194 8.26 -21.25 4.84
CA SER A 194 9.49 -20.95 4.14
C SER A 194 9.95 -22.21 3.39
N ALA A 195 11.16 -22.71 3.63
CA ALA A 195 11.58 -23.96 2.98
C ALA A 195 10.62 -25.12 3.34
N GLY A 196 9.97 -25.04 4.49
CA GLY A 196 8.94 -26.02 4.81
C GLY A 196 7.70 -25.86 3.96
N ALA A 197 7.44 -24.64 3.49
CA ALA A 197 6.32 -24.37 2.62
C ALA A 197 6.62 -24.85 1.19
N GLY A 198 7.85 -24.67 0.75
CA GLY A 198 8.31 -25.29 -0.49
C GLY A 198 8.21 -26.82 -0.37
N SER A 199 8.61 -27.35 0.79
CA SER A 199 8.49 -28.79 1.07
C SER A 199 7.03 -29.24 0.94
N VAL A 200 6.09 -28.43 1.43
CA VAL A 200 4.66 -28.77 1.30
C VAL A 200 4.25 -28.89 -0.18
N ALA A 201 4.78 -27.99 -1.02
CA ALA A 201 4.54 -28.09 -2.45
C ALA A 201 5.08 -29.43 -2.97
N TYR A 202 6.25 -29.85 -2.48
CA TYR A 202 6.76 -31.18 -2.86
C TYR A 202 5.89 -32.30 -2.32
N HIS A 203 5.37 -32.18 -1.09
CA HIS A 203 4.44 -33.19 -0.58
C HIS A 203 3.13 -33.29 -1.33
N LEU A 204 2.60 -32.13 -1.74
CA LEU A 204 1.39 -32.10 -2.55
C LEU A 204 1.63 -32.76 -3.92
N SER A 205 2.80 -32.51 -4.52
CA SER A 205 3.10 -33.00 -5.88
C SER A 205 3.95 -34.27 -5.88
N ALA A 206 4.10 -34.90 -4.71
CA ALA A 206 5.01 -36.02 -4.52
C ALA A 206 4.69 -37.17 -5.47
N TYR A 207 5.71 -37.63 -6.19
CA TYR A 207 5.54 -38.75 -7.17
C TYR A 207 4.51 -38.43 -8.27
N GLY A 208 4.24 -37.16 -8.49
CA GLY A 208 3.22 -36.79 -9.46
C GLY A 208 1.82 -36.60 -8.90
N GLY A 209 1.65 -36.74 -7.60
CA GLY A 209 0.42 -36.25 -6.96
C GLY A 209 -0.61 -37.28 -6.52
N LYS A 210 -0.27 -38.56 -6.44
CA LYS A 210 -1.22 -39.53 -5.86
C LYS A 210 -1.46 -39.28 -4.36
N ASP A 211 -2.72 -39.36 -3.93
CA ASP A 211 -3.08 -39.12 -2.54
C ASP A 211 -2.75 -40.38 -1.76
N GLU A 212 -1.75 -40.30 -0.90
CA GLU A 212 -1.35 -41.45 -0.06
C GLU A 212 -2.10 -41.43 1.28
N GLY A 213 -2.97 -40.43 1.47
CA GLY A 213 -3.79 -40.36 2.67
C GLY A 213 -3.02 -39.86 3.88
N LEU A 214 -1.94 -39.13 3.64
CA LEU A 214 -1.10 -38.64 4.73
C LEU A 214 -1.60 -37.31 5.34
N PHE A 215 -2.43 -36.57 4.60
CA PHE A 215 -2.98 -35.30 5.07
C PHE A 215 -4.24 -34.93 4.27
N ILE A 216 -5.12 -34.14 4.86
CA ILE A 216 -6.35 -33.74 4.17
C ILE A 216 -6.42 -32.22 3.91
N GLY A 217 -5.32 -31.51 4.15
CA GLY A 217 -5.26 -30.07 3.96
C GLY A 217 -3.84 -29.58 4.13
N ALA A 218 -3.55 -28.36 3.66
CA ALA A 218 -2.18 -27.87 3.68
C ALA A 218 -2.16 -26.38 3.94
N ILE A 219 -1.25 -25.94 4.81
CA ILE A 219 -0.98 -24.53 4.99
C ILE A 219 0.40 -24.25 4.38
N VAL A 220 0.44 -23.27 3.48
CA VAL A 220 1.66 -22.95 2.75
C VAL A 220 2.06 -21.52 3.13
N GLU A 221 2.92 -21.39 4.13
CA GLU A 221 3.20 -20.09 4.73
C GLU A 221 4.51 -19.57 4.15
N SER A 222 4.44 -18.59 3.22
CA SER A 222 5.62 -18.10 2.49
C SER A 222 6.39 -19.19 1.72
N SER A 223 5.82 -19.65 0.61
CA SER A 223 6.50 -20.50 -0.36
C SER A 223 7.93 -20.06 -0.58
N PHE A 224 8.84 -21.02 -0.73
CA PHE A 224 10.23 -20.73 -1.02
C PHE A 224 10.62 -21.71 -2.11
N TRP A 225 10.80 -21.19 -3.33
CA TRP A 225 11.12 -22.02 -4.49
C TRP A 225 12.40 -21.52 -5.17
N PRO A 226 13.55 -21.91 -4.62
CA PRO A 226 14.82 -21.52 -5.21
C PRO A 226 15.11 -22.43 -6.40
N THR A 227 16.25 -22.23 -7.06
CA THR A 227 16.57 -23.05 -8.22
C THR A 227 16.57 -24.55 -7.88
N GLN A 228 15.94 -25.34 -8.75
CA GLN A 228 15.80 -26.78 -8.60
C GLN A 228 16.50 -27.45 -9.79
N ARG A 229 17.75 -27.83 -9.57
CA ARG A 229 18.63 -28.28 -10.65
C ARG A 229 18.53 -29.78 -10.84
N THR A 230 19.16 -30.28 -11.91
CA THR A 230 19.23 -31.72 -12.15
C THR A 230 20.41 -32.31 -11.38
N VAL A 231 20.43 -33.64 -11.31
CA VAL A 231 21.55 -34.35 -10.69
C VAL A 231 22.89 -34.00 -11.36
N SER A 232 22.93 -34.00 -12.70
CA SER A 232 24.19 -33.71 -13.42
C SER A 232 24.65 -32.28 -13.19
N GLU A 233 23.69 -31.38 -12.99
CA GLU A 233 24.00 -29.98 -12.69
C GLU A 233 24.52 -29.78 -11.28
N MET A 234 24.47 -30.82 -10.46
CA MET A 234 25.04 -30.75 -9.12
C MET A 234 26.32 -31.60 -8.95
N GLU A 235 26.79 -32.24 -10.02
CA GLU A 235 28.05 -33.00 -9.93
C GLU A 235 29.23 -32.12 -9.53
N PHE A 236 29.31 -30.90 -10.08
CA PHE A 236 30.35 -29.94 -9.67
C PHE A 236 30.38 -29.78 -8.15
N GLN A 237 29.19 -29.78 -7.54
CA GLN A 237 29.03 -29.56 -6.10
C GLN A 237 29.50 -30.80 -5.30
N PHE A 238 29.11 -31.97 -5.76
CA PHE A 238 29.57 -33.21 -5.14
C PHE A 238 31.11 -33.29 -5.16
N GLU A 239 31.69 -32.96 -6.31
CA GLU A 239 33.14 -33.08 -6.51
C GLU A 239 33.88 -32.09 -5.60
N ARG A 240 33.31 -30.88 -5.49
CA ARG A 240 33.86 -29.83 -4.65
C ARG A 240 33.81 -30.24 -3.18
N PHE A 241 32.67 -30.82 -2.78
CA PHE A 241 32.47 -31.35 -1.43
C PHE A 241 33.50 -32.45 -1.11
N VAL A 242 33.66 -33.39 -2.03
CA VAL A 242 34.66 -34.46 -1.90
C VAL A 242 36.07 -33.87 -1.71
N ASN A 243 36.40 -32.85 -2.51
CA ASN A 243 37.67 -32.14 -2.39
C ASN A 243 37.88 -31.50 -1.03
N ASP A 244 36.89 -30.72 -0.59
CA ASP A 244 36.97 -29.93 0.63
C ASP A 244 37.08 -30.79 1.88
N THR A 245 36.51 -31.99 1.85
CA THR A 245 36.55 -32.88 3.00
C THR A 245 37.78 -33.80 2.99
N GLY A 246 38.69 -33.58 2.04
CA GLY A 246 39.91 -34.36 1.93
C GLY A 246 39.73 -35.75 1.37
N CYS A 247 38.69 -35.94 0.55
CA CYS A 247 38.32 -37.27 0.06
C CYS A 247 38.60 -37.50 -1.43
N SER A 248 39.33 -36.60 -2.07
CA SER A 248 39.48 -36.68 -3.53
C SER A 248 40.35 -37.83 -4.07
N SER A 249 41.18 -38.43 -3.23
CA SER A 249 42.05 -39.52 -3.72
C SER A 249 41.48 -40.91 -3.45
N ALA A 250 40.33 -40.97 -2.79
CA ALA A 250 39.64 -42.23 -2.53
C ALA A 250 38.99 -42.81 -3.79
N ARG A 251 39.03 -44.14 -3.92
CA ARG A 251 38.41 -44.84 -5.04
C ARG A 251 36.89 -44.77 -4.95
N ASP A 252 36.36 -45.07 -3.75
CA ASP A 252 34.94 -44.97 -3.47
C ASP A 252 34.67 -43.67 -2.70
N SER A 253 34.30 -42.62 -3.43
CA SER A 253 34.08 -41.29 -2.86
C SER A 253 33.05 -41.29 -1.71
N LEU A 254 31.92 -41.95 -1.93
CA LEU A 254 30.86 -41.99 -0.93
C LEU A 254 31.28 -42.70 0.35
N GLU A 255 31.95 -43.85 0.22
CA GLU A 255 32.48 -44.56 1.39
C GLU A 255 33.43 -43.68 2.18
N CYS A 256 34.35 -43.01 1.49
CA CYS A 256 35.28 -42.09 2.15
C CYS A 256 34.55 -40.95 2.88
N LEU A 257 33.52 -40.38 2.24
CA LEU A 257 32.72 -39.34 2.87
C LEU A 257 32.08 -39.85 4.15
N ARG A 258 31.54 -41.07 4.10
CA ARG A 258 30.91 -41.70 5.26
C ARG A 258 31.86 -42.01 6.42
N GLU A 259 33.16 -41.95 6.18
CA GLU A 259 34.16 -42.21 7.23
C GLU A 259 34.59 -40.94 7.96
N GLN A 260 34.33 -39.78 7.35
CA GLN A 260 34.82 -38.52 7.89
C GLN A 260 34.03 -38.10 9.11
N ASP A 261 34.71 -37.53 10.09
CA ASP A 261 33.99 -37.01 11.25
C ASP A 261 33.26 -35.71 10.90
N ILE A 262 32.30 -35.35 11.72
CA ILE A 262 31.44 -34.22 11.39
C ILE A 262 32.21 -32.90 11.18
N ALA A 263 33.24 -32.67 12.00
CA ALA A 263 34.12 -31.50 11.82
C ALA A 263 34.75 -31.46 10.42
N THR A 264 35.14 -32.62 9.89
CA THR A 264 35.71 -32.67 8.55
C THR A 264 34.63 -32.37 7.52
N ILE A 265 33.47 -33.01 7.68
CA ILE A 265 32.34 -32.77 6.78
C ILE A 265 32.04 -31.26 6.70
N GLN A 266 32.04 -30.59 7.86
CA GLN A 266 31.68 -29.16 7.90
C GLN A 266 32.61 -28.26 7.10
N LYS A 267 33.85 -28.71 6.84
CA LYS A 267 34.75 -27.99 5.94
C LYS A 267 34.18 -27.88 4.53
N GLY A 268 33.47 -28.91 4.07
CA GLY A 268 32.83 -28.85 2.76
C GLY A 268 31.38 -28.37 2.79
N ASN A 269 30.81 -28.28 3.99
CA ASN A 269 29.39 -27.91 4.17
C ASN A 269 29.27 -26.40 4.21
N THR A 270 29.56 -25.78 3.07
CA THR A 270 29.69 -24.34 2.98
C THR A 270 29.36 -23.92 1.54
N GLY A 271 29.08 -22.64 1.34
CA GLY A 271 28.68 -22.15 0.04
C GLY A 271 29.86 -21.84 -0.89
N SER A 272 29.60 -21.90 -2.19
CA SER A 272 30.56 -21.50 -3.23
C SER A 272 29.74 -21.25 -4.51
N PRO A 273 30.33 -20.65 -5.55
CA PRO A 273 29.55 -20.28 -6.74
C PRO A 273 29.09 -21.48 -7.57
N PHE A 274 27.90 -21.37 -8.14
CA PHE A 274 27.45 -22.32 -9.16
C PHE A 274 28.31 -22.09 -10.42
N PRO A 275 28.41 -23.07 -11.32
CA PRO A 275 29.07 -22.84 -12.61
C PRO A 275 28.28 -21.76 -13.36
N GLY A 276 29.00 -20.82 -13.96
CA GLY A 276 28.37 -19.69 -14.63
C GLY A 276 28.19 -18.47 -13.73
N GLY A 277 28.32 -18.66 -12.42
CA GLY A 277 28.23 -17.56 -11.47
C GLY A 277 29.58 -16.95 -11.19
N SER A 278 29.58 -15.72 -10.68
CA SER A 278 30.84 -15.04 -10.34
C SER A 278 31.23 -15.37 -8.88
N SER A 279 32.35 -14.83 -8.41
CA SER A 279 32.84 -15.16 -7.07
C SER A 279 32.06 -14.51 -5.91
N SER A 280 31.36 -13.42 -6.18
CA SER A 280 30.58 -12.69 -5.16
C SER A 280 29.41 -11.95 -5.83
N PRO A 281 28.20 -11.97 -5.24
CA PRO A 281 27.92 -12.71 -4.00
C PRO A 281 27.80 -14.21 -4.23
N LEU A 282 28.13 -14.99 -3.21
CA LEU A 282 27.82 -16.40 -3.19
C LEU A 282 26.30 -16.57 -3.31
N PRO A 283 25.83 -17.68 -3.88
CA PRO A 283 24.38 -17.91 -3.93
C PRO A 283 23.82 -17.89 -2.50
N ASP A 284 22.60 -17.39 -2.34
CA ASP A 284 21.94 -17.43 -1.04
C ASP A 284 21.85 -18.89 -0.56
N TRP A 285 21.56 -19.78 -1.50
CA TRP A 285 21.29 -21.18 -1.19
C TRP A 285 22.08 -22.06 -2.15
N TYR A 286 22.71 -23.10 -1.59
CA TYR A 286 23.71 -23.90 -2.31
C TYR A 286 23.32 -25.36 -2.40
N PHE A 287 23.22 -26.04 -1.25
CA PHE A 287 22.71 -27.42 -1.22
C PHE A 287 21.18 -27.33 -1.21
N LEU A 288 20.54 -27.95 -2.20
CA LEU A 288 19.14 -27.71 -2.50
C LEU A 288 18.44 -28.95 -3.07
N PRO A 289 17.12 -29.04 -2.92
CA PRO A 289 16.35 -30.09 -3.61
C PRO A 289 16.66 -30.14 -5.13
N VAL A 290 16.77 -31.35 -5.64
CA VAL A 290 16.97 -31.55 -7.07
C VAL A 290 15.82 -32.38 -7.63
N THR A 291 15.64 -32.32 -8.95
CA THR A 291 14.77 -33.26 -9.64
C THR A 291 15.39 -34.64 -9.47
N ASP A 292 14.70 -35.57 -8.82
CA ASP A 292 15.24 -36.90 -8.58
C ASP A 292 14.53 -37.99 -9.38
N GLY A 293 13.50 -37.62 -10.13
CA GLY A 293 12.78 -38.59 -10.96
C GLY A 293 11.80 -39.49 -10.24
N SER A 294 11.58 -39.30 -8.92
CA SER A 294 10.64 -40.14 -8.19
C SER A 294 9.75 -39.28 -7.29
N LEU A 295 10.22 -38.97 -6.07
CA LEU A 295 9.54 -38.00 -5.18
C LEU A 295 9.32 -36.67 -5.90
N VAL A 296 10.36 -36.22 -6.61
CA VAL A 296 10.37 -34.96 -7.31
C VAL A 296 10.59 -35.24 -8.82
N PRO A 297 9.53 -35.60 -9.55
CA PRO A 297 9.64 -35.93 -10.97
C PRO A 297 9.77 -34.71 -11.90
N ASP A 298 9.46 -33.51 -11.39
CA ASP A 298 9.38 -32.33 -12.23
C ASP A 298 9.64 -31.03 -11.44
N GLU A 299 9.80 -29.93 -12.19
CA GLU A 299 9.75 -28.59 -11.59
C GLU A 299 8.38 -28.33 -10.96
N LEU A 300 8.37 -27.62 -9.83
CA LEU A 300 7.11 -27.26 -9.19
C LEU A 300 6.14 -26.48 -10.07
N TYR A 301 6.63 -25.49 -10.82
CA TYR A 301 5.70 -24.72 -11.65
C TYR A 301 4.99 -25.67 -12.62
N ASN A 302 5.76 -26.55 -13.27
CA ASN A 302 5.22 -27.53 -14.24
C ASN A 302 4.22 -28.49 -13.63
N ALA A 303 4.59 -29.08 -12.49
CA ALA A 303 3.70 -30.00 -11.78
C ALA A 303 2.35 -29.37 -11.37
N PHE A 304 2.38 -28.13 -10.89
CA PHE A 304 1.12 -27.45 -10.57
C PHE A 304 0.30 -27.06 -11.83
N ASP A 305 0.99 -26.67 -12.91
CA ASP A 305 0.33 -26.50 -14.22
C ASP A 305 -0.39 -27.79 -14.70
N ALA A 306 0.27 -28.92 -14.54
CA ALA A 306 -0.25 -30.21 -14.98
C ALA A 306 -1.41 -30.71 -14.10
N GLY A 307 -1.53 -30.17 -12.89
CA GLY A 307 -2.48 -30.69 -11.92
C GLY A 307 -1.98 -31.97 -11.25
N ASN A 308 -0.67 -32.16 -11.30
CA ASN A 308 -0.04 -33.35 -10.75
C ASN A 308 0.22 -33.18 -9.24
N PHE A 309 -0.84 -32.97 -8.49
CA PHE A 309 -0.72 -32.72 -7.06
C PHE A 309 -2.04 -33.12 -6.39
N ILE A 310 -1.99 -33.30 -5.07
CA ILE A 310 -3.15 -33.71 -4.30
C ILE A 310 -4.17 -32.56 -4.16
N LYS A 311 -5.44 -32.84 -4.46
CA LYS A 311 -6.46 -31.81 -4.39
C LYS A 311 -7.08 -31.83 -3.00
N VAL A 312 -6.50 -31.03 -2.11
CA VAL A 312 -7.05 -30.81 -0.76
C VAL A 312 -7.10 -29.31 -0.55
N PRO A 313 -7.96 -28.87 0.39
CA PRO A 313 -8.01 -27.46 0.80
C PRO A 313 -6.63 -26.90 1.16
N VAL A 314 -6.43 -25.64 0.76
CA VAL A 314 -5.15 -24.98 0.89
C VAL A 314 -5.34 -23.56 1.47
N LEU A 315 -4.51 -23.23 2.46
CA LEU A 315 -4.38 -21.87 2.96
C LEU A 315 -2.95 -21.44 2.62
N VAL A 316 -2.80 -20.39 1.81
CA VAL A 316 -1.46 -20.04 1.29
C VAL A 316 -1.26 -18.52 1.31
N GLY A 317 -0.06 -18.08 1.63
CA GLY A 317 0.16 -16.65 1.58
C GLY A 317 1.60 -16.23 1.78
N ASP A 318 1.79 -14.91 1.84
CA ASP A 318 3.09 -14.29 1.79
C ASP A 318 3.06 -12.95 2.52
N ASP A 319 4.26 -12.45 2.80
CA ASP A 319 4.43 -11.12 3.39
C ASP A 319 4.57 -10.11 2.29
N THR A 320 4.30 -8.84 2.59
CA THR A 320 4.54 -7.77 1.62
C THR A 320 5.98 -7.73 1.06
N ASP A 321 6.99 -7.87 1.93
CA ASP A 321 8.41 -7.78 1.50
C ASP A 321 9.22 -9.05 1.72
N GLU A 322 8.82 -10.12 1.05
CA GLU A 322 9.46 -11.43 1.23
C GLU A 322 10.97 -11.37 1.03
N GLY A 323 11.41 -10.55 0.07
CA GLY A 323 12.79 -10.62 -0.40
C GLY A 323 13.78 -9.87 0.47
N SER A 324 13.26 -9.07 1.39
CA SER A 324 14.06 -8.07 2.11
C SER A 324 15.23 -8.62 2.92
N ASN A 325 15.07 -9.79 3.53
CA ASN A 325 16.18 -10.38 4.31
C ASN A 325 17.21 -11.14 3.45
N PHE A 326 16.94 -11.28 2.14
CA PHE A 326 17.69 -12.23 1.33
C PHE A 326 18.30 -11.64 0.05
N ALA A 327 17.85 -10.45 -0.33
CA ALA A 327 18.23 -9.89 -1.62
C ALA A 327 19.55 -9.15 -1.46
N TYR A 328 20.38 -9.22 -2.49
CA TYR A 328 21.64 -8.49 -2.49
C TYR A 328 21.43 -7.00 -2.24
N ASN A 329 22.29 -6.43 -1.41
CA ASN A 329 22.28 -5.01 -1.10
C ASN A 329 22.84 -4.18 -2.27
N ALA A 330 22.08 -4.13 -3.37
CA ALA A 330 22.57 -3.64 -4.66
C ALA A 330 22.77 -2.12 -4.69
N SER A 331 23.89 -1.69 -5.30
CA SER A 331 24.22 -0.27 -5.52
C SER A 331 23.94 0.15 -6.97
N SER A 332 23.62 -0.80 -7.83
CA SER A 332 23.53 -0.53 -9.27
C SER A 332 22.64 -1.57 -9.94
N SER A 333 22.18 -1.24 -11.15
CA SER A 333 21.59 -2.22 -12.06
C SER A 333 22.43 -3.49 -12.19
N ALA A 334 23.75 -3.31 -12.33
CA ALA A 334 24.65 -4.46 -12.53
C ALA A 334 24.70 -5.37 -11.29
N ASP A 335 24.63 -4.78 -10.10
CA ASP A 335 24.60 -5.56 -8.85
C ASP A 335 23.36 -6.44 -8.83
N VAL A 336 22.22 -5.90 -9.27
CA VAL A 336 20.99 -6.69 -9.29
C VAL A 336 21.16 -7.92 -10.21
N SER A 337 21.71 -7.69 -11.40
CA SER A 337 21.92 -8.75 -12.38
C SER A 337 22.92 -9.79 -11.93
N ARG A 338 24.00 -9.36 -11.26
CA ARG A 338 25.03 -10.30 -10.74
C ARG A 338 24.42 -11.19 -9.65
N PHE A 339 23.63 -10.59 -8.75
CA PHE A 339 22.84 -11.33 -7.75
C PHE A 339 21.97 -12.42 -8.40
N PHE A 340 21.18 -12.05 -9.40
CA PHE A 340 20.30 -13.03 -10.02
C PHE A 340 21.06 -14.14 -10.78
N LYS A 341 22.07 -13.72 -11.55
CA LYS A 341 22.89 -14.67 -12.29
C LYS A 341 23.52 -15.67 -11.32
N ASN A 342 24.06 -15.19 -10.19
CA ASN A 342 24.70 -16.07 -9.21
C ASN A 342 23.76 -17.05 -8.49
N ASN A 343 22.46 -16.77 -8.52
CA ASN A 343 21.44 -17.64 -7.93
C ASN A 343 20.68 -18.44 -8.97
N TYR A 344 20.76 -17.97 -10.22
CA TYR A 344 20.14 -18.63 -11.36
C TYR A 344 21.07 -18.48 -12.59
N PRO A 345 22.16 -19.27 -12.63
CA PRO A 345 23.22 -19.08 -13.64
C PRO A 345 22.82 -19.33 -15.11
N ASN A 346 21.67 -19.94 -15.38
CA ASN A 346 21.22 -20.06 -16.75
C ASN A 346 20.42 -18.86 -17.30
N LEU A 347 20.13 -17.87 -16.44
CA LEU A 347 19.52 -16.63 -16.93
C LEU A 347 20.46 -16.00 -17.97
N THR A 348 19.89 -15.50 -19.06
CA THR A 348 20.71 -14.86 -20.08
C THR A 348 20.87 -13.37 -19.79
N SER A 349 21.88 -12.80 -20.40
CA SER A 349 22.17 -11.37 -20.35
C SER A 349 20.90 -10.55 -20.67
N GLN A 350 20.14 -10.99 -21.67
CA GLN A 350 18.90 -10.33 -22.03
C GLN A 350 17.79 -10.48 -20.95
N GLN A 351 17.68 -11.67 -20.38
CA GLN A 351 16.69 -11.89 -19.34
C GLN A 351 17.00 -11.06 -18.10
N LEU A 352 18.28 -10.98 -17.74
CA LEU A 352 18.73 -10.11 -16.64
C LEU A 352 18.38 -8.63 -16.84
N ASN A 353 18.61 -8.12 -18.05
CA ASN A 353 18.17 -6.77 -18.39
C ASN A 353 16.67 -6.60 -18.28
N GLU A 354 15.91 -7.61 -18.72
CA GLU A 354 14.45 -7.56 -18.60
C GLU A 354 14.01 -7.47 -17.14
N ILE A 355 14.67 -8.24 -16.27
CA ILE A 355 14.40 -8.17 -14.83
C ILE A 355 14.55 -6.73 -14.34
N ASN A 356 15.61 -6.05 -14.80
CA ASN A 356 15.85 -4.66 -14.39
C ASN A 356 14.81 -3.67 -14.92
N GLN A 357 14.17 -4.00 -16.03
CA GLN A 357 13.08 -3.19 -16.56
C GLN A 357 11.76 -3.40 -15.80
N VAL A 358 11.50 -4.63 -15.35
CA VAL A 358 10.29 -4.92 -14.58
C VAL A 358 10.45 -4.39 -13.15
N TYR A 359 11.66 -4.42 -12.62
CA TYR A 359 11.95 -3.95 -11.27
C TYR A 359 13.06 -2.90 -11.26
N PRO A 360 12.76 -1.67 -11.69
CA PRO A 360 13.76 -0.60 -11.70
C PRO A 360 14.09 -0.09 -10.29
N ARG A 361 15.14 0.74 -10.24
CA ARG A 361 15.75 1.25 -9.00
C ARG A 361 14.84 1.43 -7.75
N GLY A 362 13.81 2.26 -7.88
CA GLY A 362 12.83 2.44 -6.81
C GLY A 362 13.25 3.33 -5.64
N LYS A 363 12.30 3.65 -4.76
CA LYS A 363 12.55 4.40 -3.53
C LYS A 363 13.70 3.84 -2.70
N LEU A 364 14.45 4.75 -2.09
CA LEU A 364 15.53 4.38 -1.17
C LEU A 364 14.97 3.78 0.12
N LEU A 365 15.53 2.66 0.55
CA LEU A 365 15.18 2.08 1.84
C LEU A 365 16.26 2.39 2.87
N PRO A 366 15.86 2.67 4.11
CA PRO A 366 16.81 2.92 5.21
C PRO A 366 17.85 1.82 5.31
N ARG A 367 19.11 2.21 5.52
CA ARG A 367 20.22 1.29 5.80
C ARG A 367 20.65 0.42 4.63
N HIS A 368 20.15 0.70 3.42
CA HIS A 368 20.53 -0.08 2.26
C HIS A 368 20.91 0.79 1.07
N ALA A 369 21.61 0.17 0.12
CA ALA A 369 22.11 0.88 -1.06
C ALA A 369 20.96 1.17 -2.03
N ALA A 370 21.23 2.02 -3.01
CA ALA A 370 20.21 2.61 -3.88
C ALA A 370 19.31 1.62 -4.66
N TYR A 371 19.83 0.44 -4.99
CA TYR A 371 19.09 -0.52 -5.80
C TYR A 371 18.52 -1.70 -5.00
N PHE A 372 18.60 -1.62 -3.68
CA PHE A 372 18.16 -2.71 -2.80
C PHE A 372 16.63 -2.96 -2.90
N GLY A 373 15.86 -1.87 -3.01
CA GLY A 373 14.42 -1.97 -3.22
C GLY A 373 14.07 -2.83 -4.41
N ALA A 374 14.76 -2.59 -5.53
CA ALA A 374 14.57 -3.39 -6.74
C ALA A 374 14.96 -4.86 -6.56
N SER A 375 16.16 -5.06 -6.03
CA SER A 375 16.70 -6.38 -5.73
C SER A 375 15.68 -7.16 -4.89
N SER A 376 15.23 -6.53 -3.81
CA SER A 376 14.33 -7.17 -2.85
C SER A 376 12.94 -7.51 -3.44
N ALA A 377 12.35 -6.55 -4.17
CA ALA A 377 11.04 -6.76 -4.81
C ALA A 377 11.12 -7.89 -5.83
N ALA A 378 12.15 -7.84 -6.68
CA ALA A 378 12.33 -8.87 -7.70
C ALA A 378 12.54 -10.26 -7.09
N TYR A 379 13.42 -10.34 -6.09
CA TYR A 379 13.73 -11.63 -5.48
C TYR A 379 12.55 -12.15 -4.63
N GLY A 380 11.89 -11.27 -3.89
CA GLY A 380 10.69 -11.65 -3.16
C GLY A 380 9.63 -12.27 -4.07
N ASP A 381 9.34 -11.61 -5.20
CA ASP A 381 8.41 -12.12 -6.19
C ASP A 381 8.85 -13.44 -6.83
N ALA A 382 10.14 -13.52 -7.24
CA ALA A 382 10.64 -14.68 -7.99
C ALA A 382 10.66 -15.97 -7.16
N THR A 383 10.98 -15.80 -5.88
CA THR A 383 11.32 -16.95 -5.04
C THR A 383 10.20 -17.32 -4.06
N PHE A 384 9.37 -16.33 -3.72
CA PHE A 384 8.34 -16.54 -2.70
C PHE A 384 6.91 -16.29 -3.17
N THR A 385 6.63 -15.04 -3.50
CA THR A 385 5.26 -14.61 -3.72
C THR A 385 4.62 -15.14 -4.99
N CYS A 386 5.32 -15.02 -6.11
CA CYS A 386 4.76 -15.58 -7.35
C CYS A 386 4.53 -17.10 -7.28
N PRO A 387 5.47 -17.88 -6.75
CA PRO A 387 5.20 -19.29 -6.42
C PRO A 387 3.95 -19.45 -5.54
N GLY A 388 3.80 -18.66 -4.48
CA GLY A 388 2.61 -18.75 -3.64
C GLY A 388 1.32 -18.49 -4.40
N ASN A 389 1.29 -17.43 -5.20
CA ASN A 389 0.17 -17.13 -6.07
C ASN A 389 -0.11 -18.26 -7.05
N HIS A 390 0.96 -18.90 -7.54
CA HIS A 390 0.82 -20.03 -8.47
C HIS A 390 0.20 -21.23 -7.76
N VAL A 391 0.64 -21.47 -6.53
CA VAL A 391 -0.02 -22.53 -5.74
C VAL A 391 -1.52 -22.24 -5.59
N ALA A 392 -1.88 -21.01 -5.23
CA ALA A 392 -3.29 -20.64 -5.03
C ALA A 392 -4.13 -20.83 -6.30
N SER A 393 -3.67 -20.26 -7.41
CA SER A 393 -4.42 -20.33 -8.65
C SER A 393 -4.49 -21.77 -9.17
N SER A 394 -3.42 -22.54 -8.99
CA SER A 394 -3.43 -23.95 -9.44
C SER A 394 -4.41 -24.78 -8.63
N ALA A 395 -4.35 -24.67 -7.29
CA ALA A 395 -5.23 -25.45 -6.44
C ALA A 395 -6.69 -25.03 -6.63
N ALA A 396 -6.90 -23.75 -6.90
CA ALA A 396 -8.25 -23.21 -7.03
C ALA A 396 -8.96 -23.68 -8.29
N ARG A 397 -8.21 -24.11 -9.31
CA ARG A 397 -8.82 -24.75 -10.49
C ARG A 397 -9.63 -25.95 -10.08
N TYR A 398 -9.17 -26.66 -9.06
CA TYR A 398 -9.83 -27.92 -8.67
C TYR A 398 -10.73 -27.75 -7.46
N LEU A 399 -10.34 -26.87 -6.53
CA LEU A 399 -11.16 -26.66 -5.32
C LEU A 399 -11.35 -25.17 -5.07
N PRO A 400 -12.09 -24.49 -5.96
CA PRO A 400 -12.24 -23.03 -5.87
C PRO A 400 -12.89 -22.59 -4.55
N ASN A 401 -13.68 -23.46 -3.94
CA ASN A 401 -14.30 -23.11 -2.66
C ASN A 401 -13.43 -23.38 -1.43
N SER A 402 -12.22 -23.89 -1.63
CA SER A 402 -11.39 -24.28 -0.50
C SER A 402 -9.95 -23.85 -0.65
N VAL A 403 -9.75 -22.70 -1.29
CA VAL A 403 -8.40 -22.15 -1.43
C VAL A 403 -8.44 -20.68 -0.97
N TRP A 404 -7.64 -20.38 0.04
CA TRP A 404 -7.64 -19.05 0.67
C TRP A 404 -6.22 -18.49 0.62
N ASN A 405 -6.09 -17.25 0.20
CA ASN A 405 -4.76 -16.62 0.05
C ASN A 405 -4.68 -15.45 1.02
N TYR A 406 -3.50 -15.16 1.55
CA TYR A 406 -3.35 -13.98 2.40
C TYR A 406 -2.11 -13.18 2.03
N ARG A 407 -2.10 -11.94 2.48
CA ARG A 407 -0.92 -11.11 2.45
C ARG A 407 -0.71 -10.63 3.88
N VAL A 408 0.43 -10.94 4.49
CA VAL A 408 0.73 -10.37 5.78
C VAL A 408 1.33 -8.97 5.56
N ASN A 409 0.73 -7.97 6.18
CA ASN A 409 1.22 -6.61 6.15
C ASN A 409 1.26 -6.04 7.59
N ILE A 410 1.86 -6.80 8.50
CA ILE A 410 2.04 -6.39 9.87
C ILE A 410 3.23 -5.42 9.94
N ILE A 411 2.96 -4.18 10.35
CA ILE A 411 3.95 -3.12 10.30
C ILE A 411 4.57 -2.98 11.68
N ASP A 412 5.88 -3.19 11.75
CA ASP A 412 6.64 -3.08 12.99
C ASP A 412 7.69 -1.97 12.78
N GLU A 413 7.66 -0.94 13.61
CA GLU A 413 8.54 0.23 13.44
C GLU A 413 10.02 -0.13 13.30
N SER A 414 10.48 -1.10 14.06
CA SER A 414 11.89 -1.42 13.98
C SER A 414 12.24 -2.16 12.67
N ASN A 415 11.30 -2.96 12.14
CA ASN A 415 11.46 -3.51 10.79
C ASN A 415 11.58 -2.38 9.76
N ILE A 416 10.69 -1.39 9.87
CA ILE A 416 10.67 -0.31 8.90
C ILE A 416 11.98 0.51 8.97
N ALA A 417 12.44 0.82 10.19
CA ALA A 417 13.68 1.55 10.35
C ALA A 417 14.88 0.73 9.88
N GLY A 418 14.74 -0.60 9.82
CA GLY A 418 15.80 -1.46 9.31
C GLY A 418 15.80 -1.57 7.78
N GLY A 419 14.78 -1.01 7.15
CA GLY A 419 14.63 -1.11 5.71
C GLY A 419 14.13 -2.45 5.20
N ILE A 420 13.52 -3.27 6.08
CA ILE A 420 13.11 -4.62 5.65
C ILE A 420 11.58 -4.80 5.50
N GLY A 421 10.84 -3.71 5.68
CA GLY A 421 9.42 -3.67 5.38
C GLY A 421 8.65 -4.66 6.24
N VAL A 422 7.82 -5.48 5.60
CA VAL A 422 7.15 -6.59 6.28
C VAL A 422 7.88 -7.85 5.81
N PRO A 423 8.84 -8.31 6.60
CA PRO A 423 9.79 -9.32 6.13
C PRO A 423 9.23 -10.75 6.21
N HIS A 424 9.96 -11.64 5.55
CA HIS A 424 9.65 -13.05 5.41
C HIS A 424 9.34 -13.71 6.75
N THR A 425 8.14 -14.29 6.86
CA THR A 425 7.64 -14.99 8.06
C THR A 425 7.46 -14.17 9.33
N PHE A 426 7.36 -12.85 9.20
CA PHE A 426 7.26 -12.01 10.40
C PHE A 426 6.04 -12.37 11.25
N GLU A 427 5.01 -12.95 10.62
CA GLU A 427 3.76 -13.29 11.31
C GLU A 427 3.86 -14.54 12.22
N LEU A 428 5.01 -15.21 12.26
CA LEU A 428 5.08 -16.47 13.03
C LEU A 428 4.54 -16.37 14.48
N PRO A 429 4.89 -15.34 15.24
CA PRO A 429 4.31 -15.20 16.59
C PRO A 429 2.81 -14.90 16.57
N ALA A 430 2.29 -14.33 15.47
CA ALA A 430 0.84 -14.13 15.35
C ALA A 430 0.10 -15.46 15.13
N ILE A 431 0.77 -16.43 14.51
CA ILE A 431 0.19 -17.78 14.34
C ILE A 431 0.29 -18.61 15.62
N PHE A 432 1.47 -18.62 16.23
CA PHE A 432 1.70 -19.54 17.36
C PHE A 432 1.62 -18.91 18.75
N GLY A 433 1.56 -17.58 18.80
CA GLY A 433 1.47 -16.88 20.08
C GLY A 433 2.84 -16.32 20.50
N ALA A 434 2.83 -15.15 21.12
CA ALA A 434 4.08 -14.53 21.58
C ALA A 434 4.78 -15.48 22.57
N GLY A 435 6.07 -15.73 22.36
CA GLY A 435 6.82 -16.67 23.22
C GLY A 435 6.92 -18.07 22.62
N SER A 436 5.99 -18.45 21.74
CA SER A 436 5.97 -19.82 21.18
C SER A 436 7.07 -20.11 20.15
N THR A 437 7.64 -19.06 19.56
CA THR A 437 8.60 -19.22 18.49
C THR A 437 10.03 -18.82 18.91
N GLY A 438 10.26 -18.69 20.22
CA GLY A 438 11.50 -18.17 20.77
C GLY A 438 11.23 -16.94 21.60
N THR A 439 12.21 -16.52 22.39
CA THR A 439 12.08 -15.34 23.25
C THR A 439 11.97 -14.08 22.40
N LEU A 440 10.99 -13.25 22.70
CA LEU A 440 10.84 -11.97 22.01
C LEU A 440 11.65 -10.89 22.76
N SER A 441 12.14 -9.90 22.04
CA SER A 441 12.73 -8.74 22.69
C SER A 441 11.70 -8.07 23.58
N SER A 442 12.20 -7.32 24.56
CA SER A 442 11.39 -6.55 25.48
C SER A 442 10.45 -5.55 24.79
N ASP A 443 10.95 -4.94 23.73
CA ASP A 443 10.21 -3.92 23.01
C ASP A 443 9.48 -4.48 21.77
N SER A 444 9.31 -5.81 21.66
CA SER A 444 8.62 -6.40 20.49
C SER A 444 7.24 -5.80 20.38
N SER A 445 6.88 -5.36 19.18
CA SER A 445 5.55 -4.79 18.94
C SER A 445 4.43 -5.80 19.17
N TYR A 446 4.79 -7.08 19.18
CA TYR A 446 3.79 -8.14 19.44
C TYR A 446 3.27 -8.08 20.87
N LEU A 447 4.01 -7.42 21.74
CA LEU A 447 3.60 -7.24 23.13
C LEU A 447 2.91 -5.90 23.31
N THR A 448 3.00 -5.02 22.32
CA THR A 448 2.34 -3.72 22.41
C THR A 448 1.36 -3.49 21.26
N TYR A 449 1.73 -2.65 20.28
CA TYR A 449 0.76 -2.18 19.30
C TYR A 449 0.36 -3.20 18.22
N ASN A 450 1.10 -4.31 18.09
CA ASN A 450 0.70 -5.40 17.22
C ASN A 450 0.13 -6.60 17.98
N ALA A 451 -0.18 -6.41 19.25
CA ALA A 451 -0.80 -7.48 20.06
C ALA A 451 -2.08 -8.03 19.41
N ALA A 452 -2.91 -7.13 18.88
CA ALA A 452 -4.27 -7.49 18.45
C ALA A 452 -4.33 -8.42 17.22
N ILE A 453 -3.25 -8.46 16.44
CA ILE A 453 -3.22 -9.32 15.26
C ILE A 453 -3.00 -10.81 15.61
N ILE A 454 -2.51 -11.09 16.83
CA ILE A 454 -2.28 -12.48 17.23
C ILE A 454 -3.58 -13.32 17.35
N PRO A 455 -4.56 -12.92 18.18
CA PRO A 455 -5.79 -13.72 18.28
C PRO A 455 -6.45 -13.89 16.91
N VAL A 456 -6.41 -12.84 16.08
CA VAL A 456 -7.05 -12.89 14.76
C VAL A 456 -6.36 -13.91 13.87
N THR A 457 -5.04 -13.80 13.75
CA THR A 457 -4.29 -14.73 12.89
C THR A 457 -4.35 -16.15 13.40
N MET A 458 -4.09 -16.32 14.69
CA MET A 458 -4.09 -17.64 15.29
C MET A 458 -5.42 -18.34 15.07
N HIS A 459 -6.53 -17.63 15.30
CA HIS A 459 -7.84 -18.26 15.13
C HIS A 459 -8.11 -18.72 13.70
N TYR A 460 -7.74 -17.91 12.70
CA TYR A 460 -7.91 -18.37 11.31
C TYR A 460 -7.15 -19.68 11.06
N PHE A 461 -5.90 -19.74 11.55
CA PHE A 461 -5.06 -20.90 11.30
C PHE A 461 -5.60 -22.13 12.03
N ILE A 462 -5.99 -21.98 13.29
CA ILE A 462 -6.60 -23.09 14.03
C ILE A 462 -7.88 -23.56 13.33
N SER A 463 -8.73 -22.61 12.95
CA SER A 463 -9.98 -22.94 12.28
C SER A 463 -9.73 -23.77 11.02
N PHE A 464 -8.75 -23.38 10.23
CA PHE A 464 -8.42 -24.15 9.03
C PHE A 464 -7.91 -25.57 9.40
N VAL A 465 -7.08 -25.65 10.44
CA VAL A 465 -6.60 -26.95 10.90
C VAL A 465 -7.80 -27.85 11.31
N GLN A 466 -8.78 -27.28 12.02
CA GLN A 466 -9.89 -28.06 12.54
C GLN A 466 -10.93 -28.44 11.47
N THR A 467 -11.19 -27.51 10.54
CA THR A 467 -12.37 -27.66 9.67
C THR A 467 -12.04 -27.46 8.21
N LEU A 468 -10.78 -27.18 7.91
CA LEU A 468 -10.35 -26.87 6.52
C LEU A 468 -11.04 -25.63 5.95
N ASN A 469 -11.42 -24.71 6.83
CA ASN A 469 -11.98 -23.42 6.44
C ASN A 469 -11.56 -22.43 7.56
N PRO A 470 -10.83 -21.35 7.23
CA PRO A 470 -10.38 -20.41 8.28
C PRO A 470 -11.54 -19.64 8.92
N ASN A 471 -12.72 -19.68 8.30
CA ASN A 471 -13.86 -18.89 8.83
C ASN A 471 -14.63 -19.50 9.96
N THR A 472 -14.67 -20.83 10.02
CA THR A 472 -15.60 -21.51 10.93
C THR A 472 -15.49 -21.05 12.38
N TYR A 473 -14.26 -21.00 12.87
CA TYR A 473 -14.01 -20.58 14.25
C TYR A 473 -13.05 -19.40 14.25
N ARG A 474 -13.25 -18.47 13.31
CA ARG A 474 -12.40 -17.29 13.28
C ARG A 474 -12.67 -16.45 14.52
N TYR A 475 -11.72 -15.56 14.82
CA TYR A 475 -11.81 -14.75 16.02
C TYR A 475 -13.12 -13.94 15.93
N ALA A 476 -13.75 -13.72 17.08
CA ALA A 476 -15.11 -13.18 17.13
C ALA A 476 -15.39 -12.02 16.17
N THR A 477 -14.54 -11.01 16.21
CA THR A 477 -14.75 -9.81 15.38
C THR A 477 -13.94 -9.78 14.06
N ALA A 478 -13.28 -10.88 13.69
CA ALA A 478 -12.48 -10.94 12.47
C ALA A 478 -13.38 -11.05 11.23
N PRO A 479 -12.98 -10.46 10.09
CA PRO A 479 -13.83 -10.48 8.90
C PRO A 479 -13.84 -11.86 8.25
N GLU A 480 -14.86 -12.09 7.43
CA GLU A 480 -14.93 -13.28 6.58
C GLU A 480 -13.78 -13.26 5.59
N TRP A 481 -13.14 -14.41 5.43
CA TRP A 481 -12.02 -14.53 4.52
C TRP A 481 -12.53 -15.32 3.28
N ASN A 482 -12.66 -14.61 2.15
CA ASN A 482 -13.20 -15.22 0.93
C ASN A 482 -12.11 -15.92 0.16
N THR A 483 -12.50 -16.86 -0.69
CA THR A 483 -11.53 -17.68 -1.41
C THR A 483 -10.82 -16.89 -2.51
N TRP A 484 -9.80 -17.53 -3.09
CA TRP A 484 -8.93 -16.94 -4.11
C TRP A 484 -9.69 -16.30 -5.27
N GLY A 485 -10.73 -16.98 -5.78
CA GLY A 485 -11.62 -16.41 -6.80
C GLY A 485 -10.81 -16.04 -8.03
N ASN A 486 -10.82 -14.79 -8.42
CA ASN A 486 -9.97 -14.36 -9.54
C ASN A 486 -8.73 -13.60 -9.08
N GLY A 487 -8.31 -13.81 -7.83
CA GLY A 487 -7.11 -13.20 -7.29
C GLY A 487 -7.48 -12.22 -6.18
N GLN A 488 -7.97 -12.77 -5.07
CA GLN A 488 -8.45 -12.01 -3.90
C GLN A 488 -7.80 -12.66 -2.68
N ARG A 489 -7.44 -11.84 -1.69
CA ARG A 489 -6.71 -12.35 -0.53
C ARG A 489 -7.04 -11.52 0.70
N LEU A 490 -6.86 -12.12 1.88
CA LEU A 490 -7.04 -11.39 3.11
C LEU A 490 -5.74 -10.71 3.45
N ARG A 491 -5.80 -9.38 3.63
CA ARG A 491 -4.65 -8.67 4.16
C ARG A 491 -4.72 -8.76 5.69
N LEU A 492 -3.69 -9.35 6.31
CA LEU A 492 -3.57 -9.44 7.75
C LEU A 492 -2.69 -8.27 8.24
N GLN A 493 -3.31 -7.38 9.00
CA GLN A 493 -2.65 -6.16 9.49
C GLN A 493 -3.43 -5.67 10.72
N THR A 494 -2.71 -5.37 11.80
CA THR A 494 -3.33 -4.94 13.05
C THR A 494 -4.27 -3.76 12.77
N ASN A 495 -5.52 -3.88 13.24
CA ASN A 495 -6.62 -2.91 13.08
C ASN A 495 -6.98 -2.58 11.66
N ASP A 496 -6.55 -3.42 10.73
CA ASP A 496 -6.74 -3.10 9.32
C ASP A 496 -6.69 -4.38 8.50
N THR A 497 -7.45 -5.37 8.94
CA THR A 497 -7.53 -6.67 8.27
C THR A 497 -8.78 -6.69 7.39
N ALA A 498 -8.61 -7.01 6.12
CA ALA A 498 -9.70 -6.94 5.14
C ALA A 498 -9.31 -7.66 3.86
N MET A 499 -10.30 -8.08 3.08
CA MET A 499 -10.08 -8.65 1.75
C MET A 499 -9.63 -7.55 0.81
N GLU A 500 -8.74 -7.90 -0.11
CA GLU A 500 -8.25 -6.97 -1.13
C GLU A 500 -8.00 -7.76 -2.41
N ALA A 501 -8.07 -7.08 -3.55
CA ALA A 501 -7.72 -7.70 -4.82
C ALA A 501 -6.21 -7.69 -5.04
N VAL A 502 -5.68 -8.77 -5.59
CA VAL A 502 -4.31 -8.75 -6.13
C VAL A 502 -4.30 -7.79 -7.35
N PRO A 503 -3.44 -6.77 -7.32
CA PRO A 503 -3.39 -5.79 -8.41
C PRO A 503 -3.02 -6.46 -9.73
N GLU A 504 -3.59 -5.97 -10.83
CA GLU A 504 -3.20 -6.41 -12.17
C GLU A 504 -1.68 -6.35 -12.38
N SER A 505 -1.03 -5.32 -11.85
CA SER A 505 0.43 -5.20 -11.96
C SER A 505 1.21 -6.36 -11.32
N SER A 506 0.73 -6.88 -10.18
CA SER A 506 1.38 -8.08 -9.59
C SER A 506 1.14 -9.32 -10.42
N LEU A 507 -0.07 -9.47 -10.95
CA LEU A 507 -0.40 -10.63 -11.78
C LEU A 507 0.47 -10.64 -13.03
N GLN A 508 0.67 -9.45 -13.60
CA GLN A 508 1.59 -9.25 -14.72
C GLN A 508 3.03 -9.58 -14.33
N ASP A 509 3.49 -9.13 -13.15
CA ASP A 509 4.83 -9.49 -12.70
C ASP A 509 4.98 -11.00 -12.53
N CYS A 510 3.94 -11.67 -12.02
CA CYS A 510 4.02 -13.13 -11.91
C CYS A 510 4.04 -13.83 -13.28
N ALA A 511 3.35 -13.26 -14.27
CA ALA A 511 3.41 -13.81 -15.64
C ALA A 511 4.82 -13.62 -16.20
N PHE A 512 5.49 -12.53 -15.84
CA PHE A 512 6.89 -12.33 -16.21
C PHE A 512 7.80 -13.42 -15.62
N TRP A 513 7.71 -13.64 -14.31
CA TRP A 513 8.51 -14.72 -13.70
C TRP A 513 8.17 -16.08 -14.29
N LYS A 514 6.89 -16.30 -14.57
CA LYS A 514 6.43 -17.50 -15.22
C LYS A 514 7.15 -17.77 -16.57
N SER A 515 7.38 -16.70 -17.34
CA SER A 515 8.07 -16.84 -18.63
C SER A 515 9.54 -17.25 -18.47
N LEU A 516 10.04 -17.23 -17.23
CA LEU A 516 11.45 -17.53 -16.97
C LEU A 516 11.69 -18.82 -16.19
N THR A 517 10.67 -19.66 -16.05
CA THR A 517 10.84 -20.88 -15.24
C THR A 517 11.89 -21.83 -15.82
N VAL A 518 12.02 -21.87 -17.15
CA VAL A 518 13.04 -22.74 -17.80
C VAL A 518 14.49 -22.36 -17.43
N PRO A 519 14.98 -21.14 -17.73
CA PRO A 519 16.34 -20.75 -17.32
C PRO A 519 16.57 -20.73 -15.80
N MET A 520 15.54 -20.38 -15.03
CA MET A 520 15.68 -20.38 -13.57
C MET A 520 15.62 -21.78 -12.96
N GLU A 521 15.11 -22.75 -13.71
CA GLU A 521 14.93 -24.12 -13.24
C GLU A 521 14.06 -24.18 -11.97
N VAL A 522 12.84 -23.67 -12.08
CA VAL A 522 11.91 -23.67 -10.95
C VAL A 522 10.54 -24.15 -11.45
N GLN B 10 -41.68 29.45 -8.63
CA GLN B 10 -42.47 30.21 -7.62
C GLN B 10 -41.64 30.95 -6.54
N PRO B 11 -40.69 30.30 -5.87
CA PRO B 11 -40.06 30.89 -4.66
C PRO B 11 -39.27 32.18 -4.91
N VAL B 12 -39.44 33.14 -4.01
CA VAL B 12 -38.80 34.45 -4.15
C VAL B 12 -38.05 34.83 -2.87
N ILE B 13 -36.81 35.30 -3.03
CA ILE B 13 -36.01 35.79 -1.91
C ILE B 13 -35.65 37.26 -2.11
N ASN B 14 -35.88 38.05 -1.07
CA ASN B 14 -35.57 39.48 -1.10
C ASN B 14 -34.30 39.78 -0.30
N LEU B 15 -33.26 40.25 -0.99
CA LEU B 15 -31.99 40.58 -0.34
C LEU B 15 -31.79 42.07 -0.03
N GLY B 16 -32.74 42.90 -0.44
CA GLY B 16 -32.63 44.36 -0.31
C GLY B 16 -32.23 44.94 -1.65
N TYR B 17 -30.94 44.87 -1.98
CA TYR B 17 -30.41 45.32 -3.27
C TYR B 17 -31.04 44.62 -4.48
N ALA B 18 -31.62 43.43 -4.28
CA ALA B 18 -32.29 42.68 -5.35
C ALA B 18 -33.24 41.60 -4.81
N ARG B 19 -34.19 41.20 -5.65
CA ARG B 19 -35.11 40.11 -5.36
C ARG B 19 -34.90 39.07 -6.44
N TYR B 20 -34.77 37.81 -6.05
CA TYR B 20 -34.56 36.74 -7.01
C TYR B 20 -35.66 35.71 -6.95
N GLN B 21 -36.03 35.21 -8.13
CA GLN B 21 -37.03 34.16 -8.25
C GLN B 21 -36.35 32.88 -8.69
N GLY B 22 -36.47 31.83 -7.88
CA GLY B 22 -35.80 30.56 -8.12
C GLY B 22 -36.68 29.44 -8.63
N VAL B 23 -36.17 28.21 -8.54
CA VAL B 23 -36.90 27.01 -8.94
C VAL B 23 -37.12 26.13 -7.73
N ARG B 24 -38.34 25.61 -7.59
CA ARG B 24 -38.67 24.62 -6.59
C ARG B 24 -38.64 23.25 -7.25
N LEU B 25 -37.90 22.33 -6.64
CA LEU B 25 -37.82 20.96 -7.13
C LEU B 25 -38.70 20.04 -6.28
N GLU B 26 -39.16 18.96 -6.91
CA GLU B 26 -39.90 17.90 -6.21
C GLU B 26 -39.08 17.33 -5.04
N ALA B 27 -37.75 17.38 -5.16
CA ALA B 27 -36.85 16.90 -4.12
C ALA B 27 -36.98 17.68 -2.79
N GLY B 28 -37.77 18.76 -2.79
CA GLY B 28 -37.90 19.58 -1.59
C GLY B 28 -36.73 20.52 -1.42
N VAL B 29 -36.13 20.94 -2.53
CA VAL B 29 -35.03 21.89 -2.53
C VAL B 29 -35.36 23.03 -3.50
N ASP B 30 -35.14 24.27 -3.08
CA ASP B 30 -35.24 25.41 -3.99
C ASP B 30 -33.85 25.82 -4.45
N GLU B 31 -33.71 26.10 -5.75
CA GLU B 31 -32.46 26.58 -6.30
C GLU B 31 -32.56 28.04 -6.72
N PHE B 32 -31.48 28.77 -6.45
CA PHE B 32 -31.34 30.16 -6.86
C PHE B 32 -30.02 30.27 -7.57
N LEU B 33 -30.10 30.40 -8.90
CA LEU B 33 -28.94 30.28 -9.75
C LEU B 33 -28.61 31.59 -10.45
N GLY B 34 -27.34 31.89 -10.57
CA GLY B 34 -26.87 33.03 -11.33
C GLY B 34 -27.16 34.38 -10.72
N MET B 35 -27.13 34.45 -9.39
CA MET B 35 -27.23 35.73 -8.69
C MET B 35 -25.86 36.44 -8.74
N ARG B 36 -25.88 37.77 -8.79
CA ARG B 36 -24.65 38.55 -8.87
C ARG B 36 -24.15 38.90 -7.48
N TYR B 37 -22.89 38.56 -7.17
CA TYR B 37 -22.31 38.91 -5.88
C TYR B 37 -21.37 40.11 -5.99
N ALA B 38 -21.12 40.52 -7.23
CA ALA B 38 -20.26 41.65 -7.57
C ALA B 38 -20.71 42.29 -8.89
N SER B 39 -20.23 43.50 -9.18
CA SER B 39 -20.43 44.10 -10.50
C SER B 39 -19.59 43.37 -11.57
N PRO B 40 -20.06 43.29 -12.82
CA PRO B 40 -19.29 42.69 -13.91
C PRO B 40 -17.90 43.32 -14.01
N PRO B 41 -16.83 42.52 -13.96
CA PRO B 41 -15.46 43.03 -13.92
C PRO B 41 -14.96 43.30 -15.34
N ILE B 42 -15.68 44.19 -16.02
CA ILE B 42 -15.47 44.50 -17.42
C ILE B 42 -15.05 45.96 -17.60
N GLY B 43 -14.45 46.27 -18.76
CA GLY B 43 -13.99 47.61 -19.06
C GLY B 43 -12.95 48.07 -18.06
N ASP B 44 -13.21 49.21 -17.43
CA ASP B 44 -12.32 49.76 -16.40
C ASP B 44 -12.15 48.85 -15.16
N LEU B 45 -13.12 47.96 -14.92
CA LEU B 45 -13.12 47.10 -13.74
C LEU B 45 -12.26 45.84 -13.91
N ARG B 46 -11.74 45.65 -15.11
CA ARG B 46 -10.77 44.59 -15.39
C ARG B 46 -9.54 44.82 -14.54
N PHE B 47 -8.99 43.74 -13.98
CA PHE B 47 -7.78 43.78 -13.16
C PHE B 47 -7.92 44.64 -11.90
N ARG B 48 -9.16 44.87 -11.49
CA ARG B 48 -9.45 45.57 -10.24
C ARG B 48 -10.18 44.64 -9.27
N ALA B 49 -10.09 44.95 -7.99
CA ALA B 49 -10.89 44.31 -6.94
C ALA B 49 -12.35 44.31 -7.39
N PRO B 50 -13.13 43.30 -6.99
CA PRO B 50 -14.55 43.24 -7.35
C PRO B 50 -15.30 44.35 -6.62
N GLN B 51 -16.29 44.95 -7.27
CA GLN B 51 -17.08 45.99 -6.64
C GLN B 51 -18.48 45.46 -6.35
N ASP B 52 -19.18 46.10 -5.42
CA ASP B 52 -20.55 45.76 -5.06
C ASP B 52 -21.44 45.52 -6.28
N PRO B 53 -22.37 44.57 -6.18
CA PRO B 53 -23.31 44.31 -7.27
C PRO B 53 -24.31 45.47 -7.36
N PRO B 54 -24.83 45.75 -8.56
CA PRO B 54 -25.70 46.91 -8.76
C PRO B 54 -27.08 46.64 -8.15
N ALA B 55 -27.68 47.66 -7.55
CA ALA B 55 -29.06 47.55 -7.09
C ALA B 55 -30.00 47.44 -8.29
N ASN B 56 -31.09 46.71 -8.09
CA ASN B 56 -32.08 46.48 -9.14
C ASN B 56 -33.46 46.30 -8.53
N GLN B 57 -34.42 46.99 -9.13
CA GLN B 57 -35.75 47.15 -8.58
C GLN B 57 -36.67 46.04 -9.07
N THR B 58 -36.45 45.60 -10.31
CA THR B 58 -37.21 44.51 -10.92
C THR B 58 -36.86 43.15 -10.30
N LEU B 59 -37.84 42.25 -10.30
CA LEU B 59 -37.64 40.87 -9.92
C LEU B 59 -36.69 40.22 -10.91
N GLN B 60 -35.61 39.65 -10.39
CA GLN B 60 -34.56 39.08 -11.21
C GLN B 60 -34.71 37.56 -11.29
N SER B 61 -34.59 37.02 -12.50
CA SER B 61 -34.68 35.59 -12.69
C SER B 61 -33.42 34.91 -12.15
N ALA B 62 -33.63 33.89 -11.32
CA ALA B 62 -32.53 33.08 -10.82
C ALA B 62 -32.83 31.60 -11.06
N THR B 63 -33.18 31.29 -12.30
CA THR B 63 -33.57 29.93 -12.70
C THR B 63 -32.51 29.27 -13.59
N GLU B 64 -31.51 30.05 -14.00
CA GLU B 64 -30.44 29.54 -14.86
C GLU B 64 -29.06 30.00 -14.35
N TYR B 65 -28.07 29.13 -14.54
CA TYR B 65 -26.68 29.46 -14.23
C TYR B 65 -26.20 30.57 -15.16
N GLY B 66 -25.45 31.53 -14.59
CA GLY B 66 -24.71 32.47 -15.41
C GLY B 66 -23.46 31.81 -16.00
N PRO B 67 -22.80 32.49 -16.94
CA PRO B 67 -21.56 31.95 -17.53
C PRO B 67 -20.45 31.86 -16.49
N ILE B 68 -19.53 30.91 -16.69
CA ILE B 68 -18.33 30.82 -15.87
C ILE B 68 -17.23 31.77 -16.37
N CYS B 69 -16.26 32.05 -15.51
CA CYS B 69 -15.16 32.96 -15.83
C CYS B 69 -14.27 32.42 -16.93
N ILE B 70 -14.05 33.23 -17.97
CA ILE B 70 -13.17 32.83 -19.07
C ILE B 70 -11.75 32.71 -18.56
N GLY B 71 -11.13 31.57 -18.85
CA GLY B 71 -9.79 31.32 -18.36
C GLY B 71 -8.77 31.16 -19.47
N LEU B 72 -7.58 30.69 -19.11
CA LEU B 72 -6.46 30.56 -20.03
C LEU B 72 -6.85 29.75 -21.27
N ASP B 73 -6.51 30.28 -22.44
CA ASP B 73 -6.75 29.58 -23.71
C ASP B 73 -8.23 29.29 -24.01
N GLU B 74 -9.15 29.93 -23.28
CA GLU B 74 -10.56 29.69 -23.56
C GLU B 74 -11.08 30.74 -24.52
N GLU B 75 -12.24 30.50 -25.10
CA GLU B 75 -12.88 31.52 -25.89
C GLU B 75 -14.28 31.80 -25.36
N GLU B 76 -14.74 33.02 -25.58
CA GLU B 76 -16.06 33.42 -25.15
C GLU B 76 -17.14 32.57 -25.81
N SER B 77 -18.20 32.29 -25.05
CA SER B 77 -19.33 31.51 -25.53
C SER B 77 -20.57 32.02 -24.80
N PRO B 78 -21.48 32.66 -25.55
CA PRO B 78 -22.60 33.39 -24.96
C PRO B 78 -23.41 32.54 -23.98
N GLY B 79 -23.53 33.03 -22.74
CA GLY B 79 -24.22 32.32 -21.68
C GLY B 79 -23.40 31.23 -20.98
N ASP B 80 -22.28 30.81 -21.58
CA ASP B 80 -21.50 29.67 -21.08
C ASP B 80 -20.17 30.10 -20.44
N ILE B 81 -19.37 30.86 -21.20
CA ILE B 81 -18.05 31.31 -20.76
C ILE B 81 -17.89 32.79 -21.14
N SER B 82 -17.57 33.62 -20.15
CA SER B 82 -17.58 35.07 -20.31
C SER B 82 -16.71 35.80 -19.29
N GLU B 83 -16.39 37.05 -19.57
CA GLU B 83 -15.79 37.95 -18.59
C GLU B 83 -16.77 38.26 -17.45
N ASP B 84 -18.03 38.42 -17.83
CA ASP B 84 -19.08 38.78 -16.89
C ASP B 84 -19.54 37.47 -16.24
N CYS B 85 -18.91 37.13 -15.12
CA CYS B 85 -19.01 35.78 -14.57
C CYS B 85 -19.16 35.69 -13.06
N LEU B 86 -19.22 36.84 -12.39
CA LEU B 86 -19.20 36.83 -10.93
C LEU B 86 -20.57 36.52 -10.35
N PHE B 87 -20.89 35.23 -10.41
CA PHE B 87 -22.18 34.72 -9.99
C PHE B 87 -22.04 33.78 -8.80
N ILE B 88 -23.08 33.79 -7.97
CA ILE B 88 -23.21 32.89 -6.82
C ILE B 88 -24.54 32.15 -6.93
N ASN B 89 -24.56 30.91 -6.45
CA ASN B 89 -25.73 30.04 -6.50
C ASN B 89 -26.00 29.42 -5.14
N VAL B 90 -27.28 29.35 -4.78
CA VAL B 90 -27.69 28.80 -3.49
C VAL B 90 -28.74 27.71 -3.68
N PHE B 91 -28.53 26.56 -3.02
CA PHE B 91 -29.51 25.51 -2.87
C PHE B 91 -29.92 25.50 -1.41
N LYS B 92 -31.22 25.48 -1.15
CA LYS B 92 -31.75 25.39 0.22
C LYS B 92 -32.98 24.51 0.27
N PRO B 93 -33.31 23.97 1.46
CA PRO B 93 -34.55 23.21 1.61
C PRO B 93 -35.74 24.16 1.33
N SER B 94 -36.72 23.71 0.57
CA SER B 94 -37.91 24.51 0.24
C SER B 94 -38.60 25.09 1.47
N THR B 95 -38.71 24.27 2.51
CA THR B 95 -39.39 24.65 3.74
C THR B 95 -38.60 25.60 4.66
N ALA B 96 -37.32 25.79 4.37
CA ALA B 96 -36.51 26.70 5.17
C ALA B 96 -36.92 28.17 5.01
N THR B 97 -36.87 28.91 6.10
CA THR B 97 -37.12 30.35 6.09
C THR B 97 -35.91 31.05 6.69
N SER B 98 -35.92 32.37 6.69
CA SER B 98 -34.85 33.17 7.28
C SER B 98 -34.66 32.91 8.78
N GLN B 99 -35.55 32.14 9.38
CA GLN B 99 -35.43 31.78 10.80
C GLN B 99 -34.75 30.42 11.00
N SER B 100 -34.61 29.67 9.92
CA SER B 100 -34.12 28.28 10.00
C SER B 100 -32.69 28.13 10.54
N LYS B 101 -31.84 29.11 10.25
CA LYS B 101 -30.43 29.12 10.69
C LYS B 101 -29.74 27.76 10.47
N LEU B 102 -29.71 27.32 9.23
CA LEU B 102 -29.11 26.01 8.89
C LEU B 102 -27.61 26.13 8.63
N PRO B 103 -26.85 25.07 8.94
CA PRO B 103 -25.43 25.03 8.57
C PRO B 103 -25.25 25.27 7.06
N VAL B 104 -24.25 26.08 6.73
CA VAL B 104 -23.96 26.47 5.34
C VAL B 104 -22.71 25.76 4.85
N TRP B 105 -22.80 25.20 3.65
CA TRP B 105 -21.70 24.54 2.98
C TRP B 105 -21.31 25.43 1.78
N LEU B 106 -20.18 26.11 1.90
CA LEU B 106 -19.75 27.02 0.84
C LEU B 106 -18.57 26.44 0.04
N PHE B 107 -18.83 26.17 -1.23
CA PHE B 107 -17.92 25.42 -2.09
C PHE B 107 -17.12 26.32 -3.01
N ILE B 108 -15.79 26.20 -2.93
CA ILE B 108 -14.87 26.93 -3.78
C ILE B 108 -14.23 25.96 -4.78
N GLN B 109 -14.62 26.12 -6.05
CA GLN B 109 -14.18 25.24 -7.14
C GLN B 109 -12.72 25.40 -7.47
N GLY B 110 -12.16 24.42 -8.18
CA GLY B 110 -10.78 24.50 -8.63
C GLY B 110 -10.62 24.90 -10.10
N GLY B 111 -9.52 24.43 -10.70
CA GLY B 111 -9.15 24.81 -12.05
C GLY B 111 -7.77 25.45 -12.15
N GLY B 112 -6.94 25.24 -11.13
CA GLY B 112 -5.53 25.60 -11.18
C GLY B 112 -5.23 27.10 -11.19
N TYR B 113 -6.26 27.90 -10.87
CA TYR B 113 -6.23 29.37 -11.05
C TYR B 113 -6.22 29.79 -12.53
N ALA B 114 -6.38 28.80 -13.41
CA ALA B 114 -6.38 29.00 -14.87
C ALA B 114 -7.78 28.92 -15.47
N GLU B 115 -8.64 28.08 -14.87
CA GLU B 115 -10.01 27.90 -15.36
C GLU B 115 -10.97 27.80 -14.17
N ASN B 116 -12.28 27.86 -14.43
CA ASN B 116 -13.28 27.43 -13.48
C ASN B 116 -13.64 25.97 -13.82
N SER B 117 -13.08 25.00 -13.09
CA SER B 117 -13.20 23.58 -13.50
C SER B 117 -14.10 22.70 -12.61
N ASN B 118 -14.77 23.28 -11.61
CA ASN B 118 -15.71 22.52 -10.78
C ASN B 118 -16.97 23.32 -10.54
N ALA B 119 -17.49 23.88 -11.64
CA ALA B 119 -18.56 24.88 -11.57
C ALA B 119 -19.94 24.23 -11.62
N ASN B 120 -20.91 24.96 -11.09
CA ASN B 120 -22.32 24.58 -11.18
C ASN B 120 -22.62 23.19 -10.60
N TYR B 121 -21.95 22.85 -9.50
CA TYR B 121 -22.21 21.55 -8.87
C TYR B 121 -23.54 21.59 -8.14
N ASN B 122 -24.22 20.46 -8.17
CA ASN B 122 -25.56 20.34 -7.65
C ASN B 122 -25.61 19.94 -6.18
N GLY B 123 -26.23 20.77 -5.36
CA GLY B 123 -26.32 20.49 -3.95
C GLY B 123 -27.54 19.70 -3.49
N THR B 124 -28.39 19.30 -4.43
CA THR B 124 -29.66 18.63 -4.10
C THR B 124 -29.48 17.31 -3.31
N GLN B 125 -28.60 16.44 -3.78
CA GLN B 125 -28.39 15.16 -3.10
C GLN B 125 -27.86 15.33 -1.66
N VAL B 126 -26.88 16.22 -1.44
CA VAL B 126 -26.37 16.38 -0.08
C VAL B 126 -27.45 17.00 0.84
N ILE B 127 -28.28 17.89 0.32
CA ILE B 127 -29.32 18.46 1.16
C ILE B 127 -30.29 17.37 1.57
N GLN B 128 -30.75 16.57 0.59
CA GLN B 128 -31.61 15.42 0.87
C GLN B 128 -30.99 14.40 1.84
N ALA B 129 -29.69 14.07 1.65
CA ALA B 129 -29.01 13.11 2.53
C ALA B 129 -28.86 13.62 3.95
N SER B 130 -28.84 14.93 4.12
CA SER B 130 -28.78 15.55 5.44
C SER B 130 -30.14 15.57 6.16
N ASP B 131 -31.17 15.04 5.51
CA ASP B 131 -32.57 15.19 5.96
C ASP B 131 -33.02 16.66 5.93
N ASP B 132 -32.61 17.38 4.88
CA ASP B 132 -33.10 18.73 4.58
C ASP B 132 -32.76 19.81 5.60
N VAL B 133 -31.55 19.78 6.13
CA VAL B 133 -31.17 20.75 7.14
C VAL B 133 -29.83 21.42 6.88
N ILE B 134 -29.47 21.53 5.61
CA ILE B 134 -28.29 22.32 5.21
C ILE B 134 -28.53 23.15 3.95
N VAL B 135 -27.67 24.15 3.78
CA VAL B 135 -27.70 25.05 2.65
C VAL B 135 -26.37 24.97 1.88
N PHE B 136 -26.43 24.88 0.56
CA PHE B 136 -25.25 24.67 -0.28
C PHE B 136 -25.03 25.85 -1.20
N VAL B 137 -23.81 26.36 -1.23
CA VAL B 137 -23.48 27.55 -2.01
C VAL B 137 -22.29 27.29 -2.94
N THR B 138 -22.42 27.69 -4.20
CA THR B 138 -21.29 27.67 -5.13
C THR B 138 -21.17 29.03 -5.80
N PHE B 139 -20.03 29.26 -6.48
CA PHE B 139 -19.80 30.54 -7.14
C PHE B 139 -18.61 30.48 -8.09
N ASN B 140 -18.47 31.53 -8.90
CA ASN B 140 -17.35 31.65 -9.83
C ASN B 140 -16.43 32.79 -9.43
N TYR B 141 -15.15 32.65 -9.77
CA TYR B 141 -14.20 33.72 -9.52
C TYR B 141 -13.26 33.82 -10.70
N ARG B 142 -12.65 34.99 -10.90
CA ARG B 142 -11.74 35.21 -12.01
C ARG B 142 -10.47 34.37 -11.94
N VAL B 143 -10.02 33.98 -13.12
CA VAL B 143 -8.88 33.09 -13.30
C VAL B 143 -8.03 33.58 -14.47
N GLY B 144 -6.91 32.89 -14.72
CA GLY B 144 -6.00 33.24 -15.80
C GLY B 144 -5.56 34.69 -15.69
N ALA B 145 -5.27 35.32 -16.84
CA ALA B 145 -4.78 36.70 -16.86
C ALA B 145 -5.74 37.69 -16.23
N LEU B 146 -7.04 37.46 -16.39
CA LEU B 146 -8.06 38.36 -15.85
C LEU B 146 -8.17 38.30 -14.32
N GLY B 147 -7.77 37.17 -13.74
CA GLY B 147 -7.83 36.98 -12.31
C GLY B 147 -6.48 37.21 -11.62
N PHE B 148 -5.40 36.96 -12.36
CA PHE B 148 -4.08 36.93 -11.75
C PHE B 148 -2.97 37.73 -12.46
N LEU B 149 -3.37 38.73 -13.23
CA LEU B 149 -2.36 39.68 -13.76
C LEU B 149 -1.59 40.30 -12.61
N ALA B 150 -0.26 40.29 -12.71
CA ALA B 150 0.60 40.70 -11.59
C ALA B 150 1.71 41.61 -12.08
N SER B 151 1.82 42.79 -11.47
CA SER B 151 2.82 43.80 -11.80
C SER B 151 2.69 44.93 -10.81
N GLU B 152 3.77 45.69 -10.58
CA GLU B 152 3.64 46.93 -9.82
C GLU B 152 2.63 47.85 -10.49
N LYS B 153 2.58 47.80 -11.81
CA LYS B 153 1.59 48.58 -12.56
C LYS B 153 0.14 48.19 -12.27
N VAL B 154 -0.12 46.89 -12.05
CA VAL B 154 -1.47 46.46 -11.62
C VAL B 154 -1.79 46.97 -10.22
N ARG B 155 -0.86 46.76 -9.29
CA ARG B 155 -1.01 47.25 -7.92
C ARG B 155 -1.25 48.77 -7.83
N GLN B 156 -0.54 49.55 -8.64
CA GLN B 156 -0.73 51.02 -8.66
C GLN B 156 -2.04 51.51 -9.32
N ASN B 157 -2.69 50.66 -10.12
CA ASN B 157 -3.96 51.04 -10.77
C ASN B 157 -4.79 49.79 -11.05
N GLY B 158 -5.28 49.21 -9.96
CA GLY B 158 -5.93 47.91 -9.97
C GLY B 158 -5.61 47.20 -8.67
N ASP B 159 -5.70 45.87 -8.71
CA ASP B 159 -5.49 45.06 -7.51
C ASP B 159 -4.89 43.71 -7.86
N LEU B 160 -3.86 43.33 -7.10
CA LEU B 160 -3.21 42.03 -7.25
C LEU B 160 -4.11 40.90 -6.75
N ASN B 161 -3.89 39.67 -7.26
CA ASN B 161 -4.69 38.51 -6.83
C ASN B 161 -6.20 38.76 -6.90
N ALA B 162 -6.63 39.44 -7.96
CA ALA B 162 -8.05 39.78 -8.14
C ALA B 162 -8.99 38.58 -7.98
N GLY B 163 -8.59 37.42 -8.51
CA GLY B 163 -9.42 36.23 -8.40
C GLY B 163 -9.62 35.77 -6.96
N LEU B 164 -8.61 35.95 -6.12
CA LEU B 164 -8.79 35.66 -4.69
C LEU B 164 -9.66 36.74 -4.02
N LEU B 165 -9.55 37.98 -4.48
CA LEU B 165 -10.39 39.05 -3.97
C LEU B 165 -11.86 38.80 -4.30
N ASP B 166 -12.13 38.22 -5.48
CA ASP B 166 -13.48 37.74 -5.81
C ASP B 166 -14.01 36.78 -4.75
N GLN B 167 -13.17 35.83 -4.34
CA GLN B 167 -13.58 34.84 -3.33
C GLN B 167 -13.86 35.53 -2.00
N ARG B 168 -13.03 36.51 -1.61
CA ARG B 168 -13.29 37.28 -0.39
C ARG B 168 -14.66 37.95 -0.46
N LYS B 169 -14.95 38.58 -1.61
CA LYS B 169 -16.25 39.22 -1.83
C LYS B 169 -17.39 38.19 -1.70
N ALA B 170 -17.23 37.03 -2.34
CA ALA B 170 -18.22 35.97 -2.28
C ALA B 170 -18.46 35.47 -0.84
N LEU B 171 -17.38 35.25 -0.08
CA LEU B 171 -17.48 34.87 1.34
C LEU B 171 -18.24 35.95 2.14
N ARG B 172 -17.93 37.21 1.84
CA ARG B 172 -18.66 38.32 2.50
C ARG B 172 -20.13 38.43 2.07
N TRP B 173 -20.43 38.10 0.81
CA TRP B 173 -21.83 38.04 0.35
C TRP B 173 -22.63 36.98 1.13
N VAL B 174 -22.05 35.79 1.28
CA VAL B 174 -22.67 34.74 2.07
C VAL B 174 -22.89 35.21 3.53
N LYS B 175 -21.88 35.85 4.11
CA LYS B 175 -21.98 36.34 5.48
C LYS B 175 -23.12 37.39 5.58
N GLN B 176 -23.24 38.26 4.59
CA GLN B 176 -24.28 39.31 4.58
C GLN B 176 -25.69 38.80 4.29
N TYR B 177 -25.83 37.86 3.35
CA TYR B 177 -27.14 37.50 2.80
C TYR B 177 -27.68 36.07 3.00
N ILE B 178 -26.83 35.12 3.42
CA ILE B 178 -27.29 33.73 3.44
C ILE B 178 -28.46 33.50 4.40
N GLU B 179 -28.56 34.35 5.42
CA GLU B 179 -29.66 34.26 6.38
C GLU B 179 -31.02 34.24 5.66
N GLN B 180 -31.13 35.01 4.59
CA GLN B 180 -32.37 35.11 3.83
C GLN B 180 -32.72 33.81 3.12
N PHE B 181 -31.73 32.94 2.96
CA PHE B 181 -31.94 31.66 2.30
C PHE B 181 -32.10 30.53 3.31
N GLY B 182 -32.19 30.84 4.59
CA GLY B 182 -32.34 29.80 5.61
C GLY B 182 -31.03 29.37 6.26
N GLY B 183 -29.94 30.01 5.86
CA GLY B 183 -28.64 29.68 6.41
C GLY B 183 -28.33 30.45 7.67
N ASP B 184 -27.38 29.92 8.43
CA ASP B 184 -26.83 30.56 9.62
C ASP B 184 -25.47 31.19 9.23
N PRO B 185 -25.38 32.53 9.25
CA PRO B 185 -24.15 33.21 8.84
C PRO B 185 -23.07 33.00 9.90
N ASP B 186 -23.46 32.55 11.09
CA ASP B 186 -22.48 32.19 12.12
C ASP B 186 -22.14 30.68 12.09
N HIS B 187 -22.61 29.97 11.07
CA HIS B 187 -22.28 28.54 10.89
C HIS B 187 -21.99 28.25 9.42
N ILE B 188 -20.93 28.87 8.90
CA ILE B 188 -20.51 28.66 7.52
C ILE B 188 -19.23 27.82 7.52
N VAL B 189 -19.23 26.75 6.73
CA VAL B 189 -18.03 25.96 6.52
C VAL B 189 -17.60 26.14 5.07
N ILE B 190 -16.35 26.57 4.87
CA ILE B 190 -15.82 26.67 3.51
C ILE B 190 -15.15 25.36 3.10
N HIS B 191 -15.36 24.96 1.85
CA HIS B 191 -14.83 23.71 1.30
C HIS B 191 -14.22 24.07 -0.05
N GLY B 192 -12.90 23.93 -0.17
CA GLY B 192 -12.23 24.14 -1.44
C GLY B 192 -11.70 22.83 -1.99
N VAL B 193 -11.73 22.71 -3.31
CA VAL B 193 -11.16 21.55 -3.98
C VAL B 193 -10.06 22.02 -4.94
N SER B 194 -8.90 21.37 -4.89
CA SER B 194 -7.81 21.68 -5.82
C SER B 194 -7.34 23.14 -5.67
N ALA B 195 -7.35 23.95 -6.73
CA ALA B 195 -7.02 25.37 -6.57
C ALA B 195 -7.94 26.08 -5.57
N GLY B 196 -9.17 25.57 -5.41
CA GLY B 196 -10.07 26.05 -4.37
C GLY B 196 -9.60 25.64 -2.98
N ALA B 197 -8.94 24.48 -2.86
CA ALA B 197 -8.35 24.04 -1.59
C ALA B 197 -7.10 24.89 -1.23
N GLY B 198 -6.28 25.19 -2.24
CA GLY B 198 -5.25 26.20 -2.08
C GLY B 198 -5.83 27.56 -1.66
N SER B 199 -6.95 27.94 -2.27
CA SER B 199 -7.64 29.19 -1.89
C SER B 199 -8.06 29.17 -0.42
N VAL B 200 -8.59 28.04 0.03
CA VAL B 200 -8.98 27.89 1.44
C VAL B 200 -7.77 28.17 2.35
N ALA B 201 -6.59 27.70 1.95
CA ALA B 201 -5.39 27.95 2.73
C ALA B 201 -5.10 29.46 2.76
N TYR B 202 -5.35 30.16 1.64
CA TYR B 202 -5.25 31.63 1.63
C TYR B 202 -6.32 32.27 2.50
N HIS B 203 -7.53 31.73 2.50
CA HIS B 203 -8.58 32.27 3.37
C HIS B 203 -8.25 32.08 4.83
N LEU B 204 -7.71 30.92 5.18
CA LEU B 204 -7.33 30.66 6.57
C LEU B 204 -6.19 31.57 7.02
N SER B 205 -5.24 31.84 6.11
CA SER B 205 -4.05 32.63 6.43
C SER B 205 -4.16 34.10 5.98
N ALA B 206 -5.37 34.52 5.58
CA ALA B 206 -5.58 35.84 4.98
C ALA B 206 -5.10 36.98 5.91
N TYR B 207 -4.31 37.89 5.38
CA TYR B 207 -3.76 38.99 6.17
C TYR B 207 -2.97 38.50 7.41
N GLY B 208 -2.48 37.25 7.37
CA GLY B 208 -1.78 36.70 8.52
C GLY B 208 -2.66 36.01 9.57
N GLY B 209 -3.95 35.84 9.30
CA GLY B 209 -4.75 34.89 10.07
C GLY B 209 -5.77 35.44 11.06
N LYS B 210 -6.07 36.74 11.04
CA LYS B 210 -7.15 37.22 11.93
C LYS B 210 -8.50 36.64 11.51
N ASP B 211 -9.28 36.20 12.50
CA ASP B 211 -10.60 35.61 12.26
C ASP B 211 -11.61 36.72 11.98
N GLU B 212 -12.12 36.80 10.74
CA GLU B 212 -13.09 37.85 10.41
C GLU B 212 -14.54 37.37 10.60
N GLY B 213 -14.71 36.14 11.08
CA GLY B 213 -16.03 35.62 11.34
C GLY B 213 -16.74 35.20 10.06
N LEU B 214 -15.97 34.91 9.02
CA LEU B 214 -16.54 34.48 7.74
C LEU B 214 -16.89 32.99 7.69
N PHE B 215 -16.28 32.19 8.56
CA PHE B 215 -16.50 30.75 8.57
C PHE B 215 -15.99 30.18 9.88
N ILE B 216 -16.49 29.00 10.24
CA ILE B 216 -16.16 28.36 11.51
C ILE B 216 -15.49 26.97 11.37
N GLY B 217 -15.23 26.57 10.12
CA GLY B 217 -14.60 25.29 9.82
C GLY B 217 -14.18 25.30 8.39
N ALA B 218 -13.26 24.40 8.03
CA ALA B 218 -12.80 24.33 6.65
C ALA B 218 -12.57 22.91 6.14
N ILE B 219 -12.92 22.67 4.88
CA ILE B 219 -12.61 21.42 4.21
C ILE B 219 -11.60 21.70 3.09
N VAL B 220 -10.48 20.97 3.13
CA VAL B 220 -9.36 21.23 2.24
C VAL B 220 -9.18 19.97 1.41
N GLU B 221 -9.84 19.94 0.26
CA GLU B 221 -9.89 18.73 -0.55
C GLU B 221 -8.85 18.80 -1.66
N SER B 222 -7.77 18.03 -1.48
CA SER B 222 -6.61 18.04 -2.39
C SER B 222 -6.01 19.45 -2.53
N SER B 223 -5.29 19.90 -1.49
CA SER B 223 -4.51 21.16 -1.56
C SER B 223 -3.75 21.26 -2.87
N PHE B 224 -3.57 22.47 -3.36
CA PHE B 224 -2.83 22.72 -4.60
C PHE B 224 -2.00 23.97 -4.37
N TRP B 225 -0.69 23.79 -4.21
CA TRP B 225 0.25 24.90 -3.87
C TRP B 225 1.36 25.00 -4.92
N PRO B 226 1.08 25.60 -6.07
CA PRO B 226 2.10 25.81 -7.10
C PRO B 226 3.00 26.99 -6.70
N THR B 227 3.98 27.31 -7.55
CA THR B 227 4.92 28.38 -7.18
C THR B 227 4.19 29.70 -6.92
N GLN B 228 4.61 30.38 -5.86
CA GLN B 228 3.99 31.63 -5.47
C GLN B 228 5.07 32.69 -5.49
N ARG B 229 5.12 33.41 -6.59
CA ARG B 229 6.21 34.34 -6.88
C ARG B 229 5.92 35.73 -6.34
N THR B 230 6.92 36.62 -6.40
CA THR B 230 6.75 38.01 -5.96
C THR B 230 6.23 38.81 -7.14
N VAL B 231 5.83 40.05 -6.88
CA VAL B 231 5.36 40.98 -7.90
C VAL B 231 6.45 41.22 -8.96
N SER B 232 7.68 41.48 -8.53
CA SER B 232 8.73 41.75 -9.49
C SER B 232 9.09 40.53 -10.33
N GLU B 233 8.87 39.34 -9.77
CA GLU B 233 9.13 38.11 -10.52
C GLU B 233 8.05 37.81 -11.59
N MET B 234 6.96 38.58 -11.58
CA MET B 234 5.91 38.46 -12.59
C MET B 234 5.88 39.63 -13.58
N GLU B 235 6.83 40.56 -13.45
CA GLU B 235 6.94 41.66 -14.41
C GLU B 235 7.16 41.13 -15.84
N PHE B 236 7.99 40.09 -15.99
CA PHE B 236 8.23 39.49 -17.31
C PHE B 236 6.90 39.09 -17.97
N GLN B 237 5.97 38.61 -17.14
CA GLN B 237 4.69 38.09 -17.59
C GLN B 237 3.72 39.20 -17.94
N PHE B 238 3.73 40.26 -17.14
CA PHE B 238 2.92 41.44 -17.45
C PHE B 238 3.35 42.01 -18.80
N GLU B 239 4.66 42.14 -19.00
CA GLU B 239 5.19 42.77 -20.20
C GLU B 239 4.88 41.90 -21.43
N ARG B 240 5.03 40.59 -21.26
CA ARG B 240 4.73 39.63 -22.32
C ARG B 240 3.27 39.69 -22.71
N PHE B 241 2.38 39.79 -21.71
CA PHE B 241 0.94 39.89 -21.94
C PHE B 241 0.60 41.21 -22.65
N VAL B 242 1.25 42.29 -22.25
CA VAL B 242 1.11 43.58 -22.93
C VAL B 242 1.49 43.47 -24.41
N ASN B 243 2.55 42.74 -24.73
CA ASN B 243 2.96 42.53 -26.12
C ASN B 243 1.99 41.70 -26.94
N ASP B 244 1.60 40.56 -26.39
CA ASP B 244 0.77 39.57 -27.09
C ASP B 244 -0.58 40.14 -27.45
N THR B 245 -1.03 41.12 -26.67
CA THR B 245 -2.32 41.75 -26.90
C THR B 245 -2.22 43.02 -27.77
N GLY B 246 -1.03 43.31 -28.30
CA GLY B 246 -0.82 44.47 -29.18
C GLY B 246 -0.80 45.82 -28.49
N CYS B 247 -0.37 45.83 -27.23
CA CYS B 247 -0.49 47.00 -26.36
C CYS B 247 0.83 47.67 -25.98
N SER B 248 1.92 47.21 -26.58
CA SER B 248 3.25 47.64 -26.14
C SER B 248 3.64 49.08 -26.51
N SER B 249 2.99 49.67 -27.52
CA SER B 249 3.30 51.04 -27.92
C SER B 249 2.54 52.08 -27.08
N ALA B 250 1.54 51.62 -26.33
CA ALA B 250 0.71 52.50 -25.51
C ALA B 250 1.49 53.08 -24.33
N ARG B 251 1.25 54.35 -24.05
CA ARG B 251 1.90 55.04 -22.94
C ARG B 251 1.41 54.49 -21.60
N ASP B 252 0.10 54.27 -21.51
CA ASP B 252 -0.49 53.66 -20.32
C ASP B 252 -0.88 52.22 -20.66
N SER B 253 -0.02 51.30 -20.23
CA SER B 253 -0.17 49.87 -20.50
C SER B 253 -1.54 49.35 -20.03
N LEU B 254 -1.86 49.61 -18.77
CA LEU B 254 -3.09 49.12 -18.16
C LEU B 254 -4.34 49.65 -18.86
N GLU B 255 -4.31 50.94 -19.21
CA GLU B 255 -5.42 51.59 -19.91
C GLU B 255 -5.69 50.91 -21.27
N CYS B 256 -4.63 50.68 -22.03
CA CYS B 256 -4.72 49.97 -23.30
C CYS B 256 -5.33 48.56 -23.10
N LEU B 257 -4.81 47.82 -22.11
CA LEU B 257 -5.32 46.49 -21.78
C LEU B 257 -6.83 46.51 -21.50
N ARG B 258 -7.27 47.53 -20.77
CA ARG B 258 -8.68 47.65 -20.40
C ARG B 258 -9.59 48.00 -21.59
N GLU B 259 -8.98 48.45 -22.70
CA GLU B 259 -9.71 48.80 -23.91
C GLU B 259 -9.90 47.63 -24.88
N GLN B 260 -9.02 46.63 -24.79
CA GLN B 260 -9.04 45.52 -25.74
C GLN B 260 -10.27 44.66 -25.57
N ASP B 261 -10.81 44.16 -26.67
CA ASP B 261 -11.91 43.22 -26.55
C ASP B 261 -11.38 41.87 -26.06
N ILE B 262 -12.30 41.01 -25.59
CA ILE B 262 -11.92 39.74 -24.97
C ILE B 262 -11.12 38.81 -25.90
N ALA B 263 -11.48 38.77 -27.18
CA ALA B 263 -10.78 37.95 -28.16
C ALA B 263 -9.29 38.33 -28.23
N THR B 264 -9.00 39.63 -28.14
CA THR B 264 -7.63 40.13 -28.16
C THR B 264 -6.88 39.80 -26.86
N ILE B 265 -7.55 40.01 -25.72
CA ILE B 265 -7.05 39.58 -24.41
C ILE B 265 -6.63 38.10 -24.44
N GLN B 266 -7.47 37.26 -25.03
CA GLN B 266 -7.22 35.81 -25.10
C GLN B 266 -5.94 35.43 -25.85
N LYS B 267 -5.46 36.32 -26.73
CA LYS B 267 -4.20 36.08 -27.43
C LYS B 267 -3.02 36.07 -26.45
N GLY B 268 -3.09 36.90 -25.41
CA GLY B 268 -2.09 36.89 -24.36
C GLY B 268 -2.36 35.94 -23.20
N ASN B 269 -3.61 35.49 -23.09
CA ASN B 269 -4.07 34.67 -21.96
C ASN B 269 -3.73 33.20 -22.24
N THR B 270 -2.44 32.91 -22.23
CA THR B 270 -1.89 31.63 -22.68
C THR B 270 -0.54 31.41 -22.00
N GLY B 271 -0.10 30.17 -21.88
CA GLY B 271 1.14 29.86 -21.18
C GLY B 271 2.38 30.13 -22.03
N SER B 272 3.49 30.36 -21.35
CA SER B 272 4.82 30.49 -21.95
C SER B 272 5.81 30.20 -20.82
N PRO B 273 7.10 30.03 -21.14
CA PRO B 273 8.08 29.71 -20.09
C PRO B 273 8.31 30.83 -19.05
N PHE B 274 8.56 30.44 -17.80
CA PHE B 274 9.14 31.35 -16.82
C PHE B 274 10.61 31.67 -17.16
N PRO B 275 11.12 32.83 -16.77
CA PRO B 275 12.55 33.11 -16.85
C PRO B 275 13.36 32.02 -16.14
N GLY B 276 14.32 31.43 -16.87
CA GLY B 276 15.07 30.29 -16.38
C GLY B 276 14.54 28.96 -16.86
N GLY B 277 13.30 28.94 -17.35
CA GLY B 277 12.72 27.73 -17.90
C GLY B 277 13.08 27.52 -19.37
N SER B 278 13.04 26.27 -19.82
CA SER B 278 13.28 25.97 -21.22
C SER B 278 11.98 26.11 -22.03
N SER B 279 12.04 25.88 -23.33
CA SER B 279 10.90 26.07 -24.22
C SER B 279 9.79 25.05 -24.05
N SER B 280 10.13 23.86 -23.55
CA SER B 280 9.17 22.76 -23.41
C SER B 280 9.61 21.85 -22.26
N PRO B 281 8.67 21.36 -21.43
CA PRO B 281 7.26 21.72 -21.50
C PRO B 281 7.03 23.12 -20.93
N LEU B 282 5.94 23.72 -21.37
CA LEU B 282 5.41 24.91 -20.73
C LEU B 282 5.05 24.55 -19.29
N PRO B 283 5.11 25.53 -18.40
CA PRO B 283 4.70 25.28 -17.02
C PRO B 283 3.27 24.80 -17.02
N ASP B 284 2.89 23.94 -16.08
CA ASP B 284 1.51 23.52 -15.97
C ASP B 284 0.62 24.73 -15.68
N TRP B 285 1.16 25.66 -14.89
CA TRP B 285 0.41 26.80 -14.35
C TRP B 285 1.24 28.05 -14.54
N TYR B 286 0.60 29.11 -15.03
CA TYR B 286 1.31 30.31 -15.48
C TYR B 286 0.82 31.56 -14.76
N PHE B 287 -0.46 31.93 -14.93
CA PHE B 287 -1.02 33.03 -14.14
C PHE B 287 -1.43 32.47 -12.78
N LEU B 288 -0.86 33.02 -11.71
CA LEU B 288 -0.94 32.39 -10.39
C LEU B 288 -0.96 33.43 -9.30
N PRO B 289 -1.49 33.07 -8.14
CA PRO B 289 -1.43 33.95 -6.96
C PRO B 289 0.00 34.32 -6.63
N VAL B 290 0.21 35.58 -6.23
CA VAL B 290 1.52 36.09 -5.84
C VAL B 290 1.46 36.64 -4.41
N THR B 291 2.64 36.78 -3.79
CA THR B 291 2.77 37.48 -2.53
C THR B 291 2.46 38.94 -2.81
N ASP B 292 1.45 39.47 -2.12
CA ASP B 292 1.03 40.85 -2.35
C ASP B 292 1.24 41.76 -1.13
N GLY B 293 1.72 41.19 -0.02
CA GLY B 293 1.98 41.96 1.19
C GLY B 293 0.76 42.36 2.01
N SER B 294 -0.43 41.91 1.62
CA SER B 294 -1.66 42.24 2.35
C SER B 294 -2.49 40.98 2.60
N LEU B 295 -3.37 40.64 1.67
CA LEU B 295 -4.10 39.38 1.71
C LEU B 295 -3.15 38.19 1.80
N VAL B 296 -2.08 38.24 1.00
CA VAL B 296 -1.07 37.19 0.95
C VAL B 296 0.30 37.78 1.34
N PRO B 297 0.56 37.86 2.64
CA PRO B 297 1.81 38.50 3.14
C PRO B 297 3.02 37.55 3.13
N ASP B 298 2.78 36.24 2.94
CA ASP B 298 3.88 35.28 3.01
C ASP B 298 3.57 34.03 2.18
N GLU B 299 4.59 33.19 2.02
CA GLU B 299 4.43 31.85 1.44
C GLU B 299 3.51 31.02 2.34
N LEU B 300 2.69 30.17 1.75
CA LEU B 300 1.81 29.29 2.53
C LEU B 300 2.55 28.39 3.55
N TYR B 301 3.65 27.76 3.17
CA TYR B 301 4.36 26.93 4.16
C TYR B 301 4.77 27.76 5.39
N ASN B 302 5.32 28.95 5.13
CA ASN B 302 5.74 29.83 6.22
C ASN B 302 4.58 30.29 7.09
N ALA B 303 3.48 30.72 6.47
CA ALA B 303 2.30 31.13 7.23
C ALA B 303 1.80 30.04 8.17
N PHE B 304 1.83 28.79 7.72
CA PHE B 304 1.33 27.69 8.54
C PHE B 304 2.34 27.31 9.62
N ASP B 305 3.64 27.42 9.30
CA ASP B 305 4.69 27.27 10.33
C ASP B 305 4.52 28.28 11.45
N ALA B 306 4.22 29.52 11.08
CA ALA B 306 4.09 30.64 12.02
C ALA B 306 2.83 30.56 12.90
N GLY B 307 1.86 29.76 12.50
CA GLY B 307 0.55 29.76 13.15
C GLY B 307 -0.32 30.95 12.72
N ASN B 308 0.08 31.60 11.62
CA ASN B 308 -0.61 32.78 11.10
C ASN B 308 -1.85 32.41 10.29
N PHE B 309 -2.77 31.72 10.95
CA PHE B 309 -3.98 31.26 10.28
C PHE B 309 -5.10 31.12 11.31
N ILE B 310 -6.33 31.03 10.80
CA ILE B 310 -7.49 30.92 11.66
C ILE B 310 -7.60 29.52 12.25
N LYS B 311 -7.75 29.45 13.58
CA LYS B 311 -7.77 28.17 14.29
C LYS B 311 -9.23 27.68 14.35
N VAL B 312 -9.65 26.98 13.30
CA VAL B 312 -10.98 26.34 13.25
C VAL B 312 -10.81 24.87 12.86
N PRO B 313 -11.78 24.02 13.16
CA PRO B 313 -11.74 22.63 12.70
C PRO B 313 -11.48 22.51 11.20
N VAL B 314 -10.72 21.48 10.85
CA VAL B 314 -10.31 21.26 9.49
C VAL B 314 -10.46 19.78 9.13
N LEU B 315 -11.04 19.52 7.97
CA LEU B 315 -11.01 18.20 7.33
C LEU B 315 -10.10 18.38 6.10
N VAL B 316 -9.01 17.61 6.00
CA VAL B 316 -8.02 17.82 4.93
C VAL B 316 -7.57 16.49 4.39
N GLY B 317 -7.44 16.39 3.07
CA GLY B 317 -6.92 15.17 2.53
C GLY B 317 -6.56 15.21 1.07
N ASP B 318 -6.14 14.04 0.59
CA ASP B 318 -5.55 13.90 -0.74
C ASP B 318 -5.81 12.53 -1.32
N ASP B 319 -5.59 12.40 -2.61
CA ASP B 319 -5.63 11.12 -3.31
C ASP B 319 -4.27 10.47 -3.31
N THR B 320 -4.26 9.16 -3.51
CA THR B 320 -3.00 8.42 -3.52
C THR B 320 -2.04 8.92 -4.60
N ASP B 321 -2.57 9.20 -5.80
CA ASP B 321 -1.73 9.64 -6.93
C ASP B 321 -2.17 10.99 -7.46
N GLU B 322 -2.01 12.00 -6.61
CA GLU B 322 -2.36 13.38 -6.93
C GLU B 322 -1.73 13.85 -8.24
N GLY B 323 -0.50 13.43 -8.51
CA GLY B 323 0.25 14.04 -9.60
C GLY B 323 -0.01 13.47 -10.97
N SER B 324 -0.78 12.39 -11.04
CA SER B 324 -0.84 11.61 -12.28
C SER B 324 -1.43 12.37 -13.49
N ASN B 325 -2.38 13.28 -13.25
CA ASN B 325 -2.97 14.01 -14.37
C ASN B 325 -2.13 15.23 -14.79
N PHE B 326 -1.06 15.52 -14.04
CA PHE B 326 -0.36 16.81 -14.18
C PHE B 326 1.14 16.71 -14.43
N ALA B 327 1.72 15.55 -14.16
CA ALA B 327 3.17 15.39 -14.18
C ALA B 327 3.67 15.07 -15.59
N TYR B 328 4.82 15.60 -15.96
CA TYR B 328 5.37 15.34 -17.29
C TYR B 328 5.56 13.84 -17.53
N ASN B 329 5.24 13.42 -18.75
CA ASN B 329 5.36 12.03 -19.15
C ASN B 329 6.83 11.68 -19.42
N ALA B 330 7.62 11.64 -18.35
CA ALA B 330 9.08 11.54 -18.43
C ALA B 330 9.63 10.19 -18.94
N SER B 331 10.60 10.28 -19.85
CA SER B 331 11.32 9.15 -20.42
C SER B 331 12.68 8.94 -19.76
N SER B 332 13.10 9.91 -18.93
CA SER B 332 14.46 9.96 -18.40
C SER B 332 14.53 10.83 -17.14
N SER B 333 15.61 10.66 -16.38
CA SER B 333 15.95 11.56 -15.26
C SER B 333 15.94 13.00 -15.71
N ALA B 334 16.52 13.25 -16.89
CA ALA B 334 16.65 14.62 -17.37
C ALA B 334 15.28 15.26 -17.64
N ASP B 335 14.32 14.47 -18.14
CA ASP B 335 12.95 14.93 -18.36
C ASP B 335 12.29 15.30 -17.04
N VAL B 336 12.50 14.49 -15.99
CA VAL B 336 11.96 14.82 -14.66
C VAL B 336 12.49 16.20 -14.25
N SER B 337 13.80 16.37 -14.32
CA SER B 337 14.43 17.64 -13.95
C SER B 337 13.97 18.82 -14.80
N ARG B 338 13.78 18.61 -16.10
CA ARG B 338 13.35 19.68 -17.03
C ARG B 338 11.93 20.13 -16.65
N PHE B 339 11.06 19.17 -16.36
CA PHE B 339 9.69 19.42 -15.87
C PHE B 339 9.71 20.26 -14.57
N PHE B 340 10.52 19.86 -13.59
CA PHE B 340 10.56 20.61 -12.33
C PHE B 340 11.17 22.01 -12.47
N LYS B 341 12.24 22.10 -13.25
CA LYS B 341 12.86 23.41 -13.52
C LYS B 341 11.89 24.36 -14.20
N ASN B 342 11.07 23.83 -15.10
CA ASN B 342 10.13 24.69 -15.81
C ASN B 342 8.95 25.18 -14.97
N ASN B 343 8.66 24.48 -13.87
CA ASN B 343 7.60 24.92 -12.96
C ASN B 343 8.13 25.62 -11.71
N TYR B 344 9.42 25.40 -11.43
CA TYR B 344 10.09 26.02 -10.30
C TYR B 344 11.50 26.45 -10.75
N PRO B 345 11.57 27.52 -11.52
CA PRO B 345 12.82 27.91 -12.20
C PRO B 345 13.99 28.29 -11.29
N ASN B 346 13.73 28.54 -10.00
CA ASN B 346 14.81 28.81 -9.07
C ASN B 346 15.47 27.57 -8.46
N LEU B 347 14.96 26.39 -8.76
CA LEU B 347 15.63 25.16 -8.33
C LEU B 347 17.02 25.09 -8.96
N THR B 348 18.01 24.68 -8.16
CA THR B 348 19.36 24.54 -8.68
C THR B 348 19.54 23.15 -9.24
N SER B 349 20.60 23.02 -10.03
CA SER B 349 20.99 21.77 -10.63
C SER B 349 21.18 20.67 -9.58
N GLN B 350 21.78 21.05 -8.45
CA GLN B 350 21.99 20.11 -7.36
C GLN B 350 20.68 19.69 -6.69
N GLN B 351 19.73 20.63 -6.58
CA GLN B 351 18.41 20.33 -6.02
C GLN B 351 17.63 19.40 -6.94
N LEU B 352 17.74 19.64 -8.24
CA LEU B 352 17.10 18.78 -9.24
C LEU B 352 17.62 17.36 -9.21
N ASN B 353 18.93 17.21 -8.91
CA ASN B 353 19.54 15.87 -8.75
C ASN B 353 18.99 15.18 -7.52
N GLU B 354 18.88 15.94 -6.42
CA GLU B 354 18.33 15.43 -5.17
C GLU B 354 16.88 14.95 -5.36
N ILE B 355 16.08 15.67 -6.14
CA ILE B 355 14.71 15.25 -6.42
C ILE B 355 14.70 13.86 -7.04
N ASN B 356 15.64 13.63 -7.96
CA ASN B 356 15.78 12.34 -8.63
C ASN B 356 16.27 11.22 -7.70
N GLN B 357 17.05 11.57 -6.67
CA GLN B 357 17.46 10.57 -5.68
C GLN B 357 16.28 10.18 -4.77
N VAL B 358 15.42 11.15 -4.46
CA VAL B 358 14.27 10.87 -3.59
C VAL B 358 13.16 10.16 -4.36
N TYR B 359 13.02 10.50 -5.65
CA TYR B 359 12.02 9.86 -6.52
C TYR B 359 12.67 9.24 -7.76
N PRO B 360 13.31 8.09 -7.61
CA PRO B 360 13.92 7.39 -8.75
C PRO B 360 12.90 6.75 -9.69
N ARG B 361 13.37 6.40 -10.89
CA ARG B 361 12.59 5.78 -11.98
C ARG B 361 11.22 5.09 -11.63
N GLY B 362 11.32 4.00 -10.87
CA GLY B 362 10.15 3.29 -10.35
C GLY B 362 9.47 2.35 -11.34
N LYS B 363 8.54 1.54 -10.84
CA LYS B 363 7.73 0.64 -11.67
C LYS B 363 7.12 1.34 -12.88
N LEU B 364 7.06 0.62 -13.99
CA LEU B 364 6.41 1.09 -15.22
C LEU B 364 4.90 1.17 -15.03
N LEU B 365 4.31 2.29 -15.46
CA LEU B 365 2.86 2.46 -15.43
C LEU B 365 2.30 2.36 -16.86
N PRO B 366 1.12 1.76 -17.03
CA PRO B 366 0.54 1.61 -18.37
C PRO B 366 0.35 2.95 -19.09
N ARG B 367 0.59 2.96 -20.39
CA ARG B 367 0.38 4.12 -21.27
C ARG B 367 1.29 5.33 -21.02
N HIS B 368 2.36 5.14 -20.24
CA HIS B 368 3.26 6.24 -19.96
C HIS B 368 4.69 5.81 -20.15
N ALA B 369 5.59 6.78 -20.31
CA ALA B 369 7.01 6.50 -20.44
C ALA B 369 7.64 6.07 -19.09
N ALA B 370 8.89 5.60 -19.14
CA ALA B 370 9.51 4.85 -18.04
C ALA B 370 9.76 5.61 -16.73
N TYR B 371 9.85 6.93 -16.78
CA TYR B 371 10.05 7.74 -15.57
C TYR B 371 8.82 8.48 -15.13
N PHE B 372 7.66 8.14 -15.70
CA PHE B 372 6.43 8.85 -15.35
C PHE B 372 6.04 8.61 -13.88
N GLY B 373 6.18 7.36 -13.40
CA GLY B 373 5.90 7.06 -12.00
C GLY B 373 6.64 8.01 -11.07
N ALA B 374 7.93 8.26 -11.37
CA ALA B 374 8.78 9.14 -10.57
C ALA B 374 8.31 10.59 -10.66
N SER B 375 8.08 11.04 -11.90
CA SER B 375 7.60 12.39 -12.19
C SER B 375 6.30 12.68 -11.42
N SER B 376 5.37 11.73 -11.51
CA SER B 376 4.05 11.86 -10.90
C SER B 376 4.11 11.88 -9.36
N ALA B 377 4.88 10.94 -8.80
CA ALA B 377 5.00 10.80 -7.36
C ALA B 377 5.63 12.07 -6.81
N ALA B 378 6.71 12.52 -7.45
CA ALA B 378 7.38 13.74 -7.02
C ALA B 378 6.45 14.96 -7.09
N TYR B 379 5.79 15.15 -8.23
CA TYR B 379 4.92 16.32 -8.40
C TYR B 379 3.66 16.25 -7.51
N GLY B 380 3.09 15.06 -7.39
CA GLY B 380 1.97 14.83 -6.50
C GLY B 380 2.31 15.25 -5.08
N ASP B 381 3.47 14.85 -4.60
CA ASP B 381 3.90 15.19 -3.25
C ASP B 381 4.24 16.67 -3.11
N ALA B 382 4.98 17.23 -4.07
CA ALA B 382 5.44 18.62 -4.00
C ALA B 382 4.33 19.65 -4.00
N THR B 383 3.28 19.37 -4.75
CA THR B 383 2.26 20.37 -5.09
C THR B 383 0.95 20.14 -4.36
N PHE B 384 0.66 18.90 -3.96
CA PHE B 384 -0.64 18.57 -3.35
C PHE B 384 -0.52 17.97 -1.96
N THR B 385 0.09 16.79 -1.87
CA THR B 385 0.04 15.99 -0.65
C THR B 385 0.86 16.49 0.49
N CYS B 386 2.10 16.89 0.23
CA CYS B 386 2.93 17.43 1.30
C CYS B 386 2.33 18.75 1.83
N PRO B 387 1.87 19.65 0.94
CA PRO B 387 1.06 20.79 1.40
C PRO B 387 -0.14 20.39 2.27
N GLY B 388 -0.91 19.38 1.85
CA GLY B 388 -2.00 18.88 2.68
C GLY B 388 -1.58 18.40 4.06
N ASN B 389 -0.53 17.58 4.12
CA ASN B 389 0.01 17.09 5.37
C ASN B 389 0.51 18.24 6.25
N HIS B 390 1.02 19.27 5.59
CA HIS B 390 1.50 20.44 6.33
C HIS B 390 0.34 21.21 6.95
N VAL B 391 -0.75 21.36 6.19
CA VAL B 391 -1.95 21.98 6.73
C VAL B 391 -2.44 21.17 7.94
N ALA B 392 -2.55 19.84 7.78
CA ALA B 392 -3.00 18.98 8.88
C ALA B 392 -2.15 19.13 10.15
N SER B 393 -0.83 18.99 10.03
CA SER B 393 0.00 19.03 11.23
C SER B 393 0.04 20.42 11.87
N SER B 394 -0.04 21.46 11.04
CA SER B 394 -0.03 22.84 11.55
C SER B 394 -1.30 23.13 12.33
N ALA B 395 -2.45 22.83 11.75
CA ALA B 395 -3.72 23.04 12.42
C ALA B 395 -3.85 22.21 13.68
N ALA B 396 -3.30 20.99 13.66
CA ALA B 396 -3.36 20.09 14.80
C ALA B 396 -2.54 20.53 16.03
N ARG B 397 -1.50 21.34 15.83
CA ARG B 397 -0.79 21.97 16.95
C ARG B 397 -1.77 22.73 17.85
N TYR B 398 -2.77 23.37 17.24
CA TYR B 398 -3.70 24.25 18.00
C TYR B 398 -5.04 23.61 18.29
N LEU B 399 -5.53 22.78 17.36
CA LEU B 399 -6.78 22.05 17.60
C LEU B 399 -6.64 20.56 17.37
N PRO B 400 -5.88 19.86 18.23
CA PRO B 400 -5.59 18.44 18.00
C PRO B 400 -6.87 17.59 17.99
N ASN B 401 -7.92 18.06 18.66
CA ASN B 401 -9.16 17.27 18.70
C ASN B 401 -10.11 17.55 17.54
N SER B 402 -9.71 18.46 16.65
CA SER B 402 -10.56 18.89 15.54
C SER B 402 -9.88 18.97 14.20
N VAL B 403 -8.88 18.10 13.96
CA VAL B 403 -8.21 18.08 12.66
C VAL B 403 -8.18 16.63 12.18
N TRP B 404 -8.86 16.38 11.06
CA TRP B 404 -9.01 15.04 10.49
C TRP B 404 -8.40 15.01 9.08
N ASN B 405 -7.59 14.00 8.80
CA ASN B 405 -6.90 13.85 7.51
C ASN B 405 -7.43 12.59 6.82
N TYR B 406 -7.49 12.57 5.48
CA TYR B 406 -7.87 11.38 4.75
C TYR B 406 -6.95 11.11 3.55
N ARG B 407 -6.89 9.85 3.13
CA ARG B 407 -6.32 9.53 1.83
C ARG B 407 -7.41 8.82 1.05
N VAL B 408 -7.77 9.38 -0.09
CA VAL B 408 -8.68 8.70 -1.01
C VAL B 408 -7.91 7.64 -1.80
N ASN B 409 -8.32 6.38 -1.65
CA ASN B 409 -7.74 5.25 -2.39
C ASN B 409 -8.87 4.47 -3.09
N ILE B 410 -9.75 5.21 -3.77
CA ILE B 410 -10.85 4.59 -4.51
C ILE B 410 -10.30 4.04 -5.83
N ILE B 411 -10.34 2.73 -5.98
CA ILE B 411 -9.73 2.04 -7.11
C ILE B 411 -10.74 1.82 -8.21
N ASP B 412 -10.43 2.36 -9.38
CA ASP B 412 -11.30 2.29 -10.54
C ASP B 412 -10.50 1.69 -11.69
N GLU B 413 -10.98 0.56 -12.20
CA GLU B 413 -10.28 -0.23 -13.23
C GLU B 413 -9.81 0.60 -14.43
N SER B 414 -10.62 1.54 -14.90
CA SER B 414 -10.17 2.32 -16.04
C SER B 414 -9.09 3.39 -15.71
N ASN B 415 -9.11 3.95 -14.49
CA ASN B 415 -7.99 4.78 -14.01
C ASN B 415 -6.70 3.96 -13.94
N ILE B 416 -6.79 2.75 -13.39
CA ILE B 416 -5.63 1.85 -13.29
C ILE B 416 -5.08 1.49 -14.69
N ALA B 417 -5.97 1.07 -15.60
CA ALA B 417 -5.55 0.77 -16.98
C ALA B 417 -4.98 2.00 -17.72
N GLY B 418 -5.39 3.20 -17.33
CA GLY B 418 -4.85 4.42 -17.89
C GLY B 418 -3.53 4.88 -17.27
N GLY B 419 -3.06 4.16 -16.26
CA GLY B 419 -1.81 4.50 -15.59
C GLY B 419 -1.89 5.69 -14.65
N ILE B 420 -3.12 6.08 -14.26
CA ILE B 420 -3.28 7.29 -13.42
C ILE B 420 -3.63 6.98 -11.94
N GLY B 421 -3.66 5.69 -11.58
CA GLY B 421 -3.82 5.30 -10.19
C GLY B 421 -5.12 5.81 -9.57
N VAL B 422 -5.01 6.48 -8.43
CA VAL B 422 -6.18 7.15 -7.81
C VAL B 422 -5.93 8.63 -8.02
N PRO B 423 -6.53 9.20 -9.05
CA PRO B 423 -6.12 10.53 -9.50
C PRO B 423 -6.76 11.67 -8.71
N HIS B 424 -6.23 12.86 -8.96
CA HIS B 424 -6.59 14.09 -8.27
C HIS B 424 -8.11 14.34 -8.31
N THR B 425 -8.73 14.42 -7.11
CA THR B 425 -10.17 14.70 -6.92
C THR B 425 -11.13 13.64 -7.45
N PHE B 426 -10.65 12.42 -7.65
CA PHE B 426 -11.51 11.36 -8.13
C PHE B 426 -12.74 11.10 -7.25
N GLU B 427 -12.64 11.46 -5.96
CA GLU B 427 -13.74 11.26 -4.98
C GLU B 427 -14.91 12.25 -5.07
N LEU B 428 -14.86 13.20 -6.01
CA LEU B 428 -15.90 14.25 -6.06
C LEU B 428 -17.35 13.72 -6.15
N PRO B 429 -17.65 12.73 -7.01
CA PRO B 429 -18.98 12.11 -6.98
C PRO B 429 -19.31 11.40 -5.65
N ALA B 430 -18.29 10.96 -4.91
CA ALA B 430 -18.50 10.33 -3.61
C ALA B 430 -18.91 11.36 -2.56
N ILE B 431 -18.43 12.59 -2.71
CA ILE B 431 -18.84 13.67 -1.79
C ILE B 431 -20.24 14.20 -2.12
N PHE B 432 -20.47 14.51 -3.38
CA PHE B 432 -21.71 15.20 -3.79
C PHE B 432 -22.81 14.30 -4.37
N GLY B 433 -22.49 13.05 -4.66
CA GLY B 433 -23.45 12.10 -5.23
C GLY B 433 -23.25 11.93 -6.73
N ALA B 434 -23.54 10.74 -7.25
CA ALA B 434 -23.45 10.48 -8.68
C ALA B 434 -24.34 11.43 -9.47
N GLY B 435 -23.79 12.09 -10.49
CA GLY B 435 -24.58 13.05 -11.27
C GLY B 435 -24.45 14.50 -10.82
N SER B 436 -24.12 14.74 -9.54
CA SER B 436 -24.02 16.09 -9.00
C SER B 436 -22.83 16.88 -9.54
N THR B 437 -21.79 16.19 -10.02
CA THR B 437 -20.59 16.88 -10.49
C THR B 437 -20.47 16.88 -12.02
N GLY B 438 -21.53 16.47 -12.69
CA GLY B 438 -21.53 16.30 -14.13
C GLY B 438 -22.01 14.91 -14.50
N THR B 439 -22.33 14.72 -15.77
CA THR B 439 -22.84 13.44 -16.25
C THR B 439 -21.76 12.38 -16.13
N LEU B 440 -22.13 11.28 -15.49
CA LEU B 440 -21.22 10.16 -15.38
C LEU B 440 -21.38 9.28 -16.60
N SER B 441 -20.25 8.80 -17.11
CA SER B 441 -20.23 7.76 -18.13
C SER B 441 -21.07 6.57 -17.68
N SER B 442 -21.71 5.90 -18.63
CA SER B 442 -22.63 4.81 -18.29
C SER B 442 -21.89 3.62 -17.66
N ASP B 443 -20.58 3.52 -17.91
CA ASP B 443 -19.78 2.48 -17.28
C ASP B 443 -19.02 2.91 -16.00
N SER B 444 -19.32 4.10 -15.49
CA SER B 444 -18.67 4.61 -14.27
C SER B 444 -18.78 3.61 -13.12
N SER B 445 -17.65 3.32 -12.48
CA SER B 445 -17.64 2.43 -11.32
C SER B 445 -18.46 2.97 -10.13
N TYR B 446 -18.79 4.27 -10.14
CA TYR B 446 -19.60 4.82 -9.07
C TYR B 446 -21.05 4.30 -9.12
N LEU B 447 -21.43 3.74 -10.27
CA LEU B 447 -22.74 3.11 -10.46
C LEU B 447 -22.69 1.61 -10.19
N THR B 448 -21.48 1.05 -10.07
CA THR B 448 -21.33 -0.38 -9.83
C THR B 448 -20.48 -0.69 -8.58
N TYR B 449 -19.24 -1.12 -8.78
CA TYR B 449 -18.45 -1.68 -7.67
C TYR B 449 -17.92 -0.64 -6.65
N ASN B 450 -17.95 0.65 -7.00
CA ASN B 450 -17.58 1.74 -6.08
C ASN B 450 -18.77 2.56 -5.56
N ALA B 451 -19.97 2.05 -5.81
CA ALA B 451 -21.19 2.72 -5.35
C ALA B 451 -21.24 2.88 -3.84
N ALA B 452 -20.75 1.88 -3.11
CA ALA B 452 -20.84 1.88 -1.65
C ALA B 452 -19.96 2.93 -0.92
N ILE B 453 -18.93 3.46 -1.59
CA ILE B 453 -18.09 4.53 -0.98
C ILE B 453 -18.83 5.86 -0.96
N ILE B 454 -19.89 6.00 -1.77
CA ILE B 454 -20.61 7.27 -1.82
C ILE B 454 -21.32 7.64 -0.50
N PRO B 455 -22.22 6.81 0.04
CA PRO B 455 -22.89 7.20 1.28
C PRO B 455 -21.89 7.39 2.41
N VAL B 456 -20.82 6.58 2.40
CA VAL B 456 -19.79 6.69 3.44
C VAL B 456 -19.12 8.07 3.38
N THR B 457 -18.58 8.41 2.20
CA THR B 457 -17.89 9.69 2.03
C THR B 457 -18.82 10.89 2.28
N MET B 458 -20.00 10.85 1.65
CA MET B 458 -20.90 11.99 1.69
C MET B 458 -21.30 12.33 3.14
N HIS B 459 -21.60 11.32 3.94
CA HIS B 459 -22.07 11.56 5.30
C HIS B 459 -20.96 12.03 6.26
N TYR B 460 -19.70 11.67 5.99
CA TYR B 460 -18.59 12.24 6.74
C TYR B 460 -18.53 13.74 6.45
N PHE B 461 -18.67 14.11 5.18
CA PHE B 461 -18.56 15.51 4.77
C PHE B 461 -19.76 16.29 5.29
N ILE B 462 -20.95 15.70 5.18
CA ILE B 462 -22.14 16.36 5.69
C ILE B 462 -22.01 16.56 7.21
N SER B 463 -21.60 15.51 7.91
CA SER B 463 -21.49 15.57 9.37
C SER B 463 -20.52 16.69 9.81
N PHE B 464 -19.40 16.84 9.10
CA PHE B 464 -18.45 17.91 9.38
C PHE B 464 -19.08 19.29 9.13
N VAL B 465 -19.79 19.42 8.02
CA VAL B 465 -20.47 20.65 7.71
C VAL B 465 -21.44 21.03 8.85
N GLN B 466 -22.19 20.04 9.35
CA GLN B 466 -23.19 20.28 10.40
C GLN B 466 -22.61 20.50 11.79
N THR B 467 -21.57 19.74 12.15
CA THR B 467 -21.13 19.70 13.55
C THR B 467 -19.63 19.95 13.72
N LEU B 468 -18.91 20.17 12.63
CA LEU B 468 -17.45 20.30 12.69
C LEU B 468 -16.72 19.02 13.18
N ASN B 469 -17.36 17.86 12.96
CA ASN B 469 -16.79 16.56 13.32
C ASN B 469 -17.41 15.56 12.34
N PRO B 470 -16.59 14.84 11.54
CA PRO B 470 -17.14 13.94 10.54
C PRO B 470 -17.84 12.72 11.17
N ASN B 471 -17.58 12.48 12.45
CA ASN B 471 -18.13 11.31 13.12
C ASN B 471 -19.56 11.43 13.57
N THR B 472 -20.00 12.63 13.94
CA THR B 472 -21.31 12.79 14.58
C THR B 472 -22.47 12.13 13.84
N TYR B 473 -22.58 12.41 12.54
CA TYR B 473 -23.65 11.83 11.72
C TYR B 473 -23.08 11.02 10.56
N ARG B 474 -22.04 10.25 10.85
CA ARG B 474 -21.41 9.45 9.82
C ARG B 474 -22.37 8.31 9.42
N TYR B 475 -22.17 7.77 8.23
CA TYR B 475 -23.00 6.66 7.76
C TYR B 475 -22.94 5.45 8.70
N ALA B 476 -24.05 4.73 8.80
CA ALA B 476 -24.24 3.72 9.85
C ALA B 476 -23.10 2.74 10.07
N THR B 477 -22.49 2.26 9.01
CA THR B 477 -21.39 1.32 9.21
C THR B 477 -19.99 1.88 8.85
N ALA B 478 -19.89 3.21 8.73
CA ALA B 478 -18.59 3.85 8.56
C ALA B 478 -17.81 3.81 9.90
N PRO B 479 -16.51 3.57 9.84
CA PRO B 479 -15.72 3.51 11.06
C PRO B 479 -15.53 4.91 11.67
N GLU B 480 -15.16 4.93 12.93
CA GLU B 480 -14.75 6.17 13.56
C GLU B 480 -13.51 6.74 12.84
N TRP B 481 -13.54 8.04 12.59
CA TRP B 481 -12.43 8.71 11.94
C TRP B 481 -11.68 9.47 13.05
N ASN B 482 -10.50 8.99 13.39
CA ASN B 482 -9.73 9.64 14.46
C ASN B 482 -8.93 10.84 13.94
N THR B 483 -8.57 11.75 14.84
CA THR B 483 -7.83 12.94 14.44
C THR B 483 -6.39 12.67 14.01
N TRP B 484 -5.75 13.72 13.50
CA TRP B 484 -4.39 13.64 12.97
C TRP B 484 -3.39 12.99 13.94
N GLY B 485 -3.46 13.36 15.22
CA GLY B 485 -2.60 12.77 16.26
C GLY B 485 -1.14 13.01 15.91
N ASN B 486 -0.36 11.94 15.78
CA ASN B 486 1.01 12.10 15.31
C ASN B 486 1.20 11.73 13.84
N GLY B 487 0.11 11.75 13.07
CA GLY B 487 0.14 11.50 11.63
C GLY B 487 -0.69 10.27 11.28
N GLN B 488 -2.00 10.41 11.38
CA GLN B 488 -2.93 9.31 11.13
C GLN B 488 -4.06 9.88 10.29
N ARG B 489 -4.63 9.03 9.43
CA ARG B 489 -5.67 9.48 8.50
C ARG B 489 -6.64 8.34 8.19
N LEU B 490 -7.83 8.71 7.72
CA LEU B 490 -8.78 7.70 7.26
C LEU B 490 -8.48 7.42 5.79
N ARG B 491 -8.26 6.14 5.47
CA ARG B 491 -8.19 5.70 4.09
C ARG B 491 -9.62 5.46 3.59
N LEU B 492 -10.05 6.26 2.62
CA LEU B 492 -11.36 6.04 1.99
C LEU B 492 -11.19 5.13 0.77
N GLN B 493 -11.74 3.92 0.88
CA GLN B 493 -11.64 2.92 -0.18
C GLN B 493 -12.82 1.98 -0.03
N THR B 494 -13.52 1.71 -1.13
CA THR B 494 -14.68 0.81 -1.10
C THR B 494 -14.38 -0.52 -0.45
N ASN B 495 -15.22 -0.91 0.52
CA ASN B 495 -15.07 -2.12 1.33
C ASN B 495 -13.78 -2.25 2.11
N ASP B 496 -13.05 -1.14 2.25
CA ASP B 496 -11.75 -1.21 2.87
C ASP B 496 -11.34 0.17 3.43
N THR B 497 -12.28 0.77 4.15
CA THR B 497 -12.13 2.06 4.78
C THR B 497 -11.70 1.88 6.21
N ALA B 498 -10.57 2.49 6.58
CA ALA B 498 -10.01 2.31 7.90
C ALA B 498 -8.93 3.35 8.16
N MET B 499 -8.66 3.60 9.44
CA MET B 499 -7.55 4.44 9.87
C MET B 499 -6.20 3.81 9.53
N GLU B 500 -5.24 4.62 9.12
CA GLU B 500 -3.89 4.13 8.80
C GLU B 500 -2.86 5.20 9.21
N ALA B 501 -1.64 4.79 9.49
CA ALA B 501 -0.57 5.73 9.80
C ALA B 501 0.02 6.32 8.52
N VAL B 502 0.38 7.61 8.52
CA VAL B 502 1.21 8.14 7.44
C VAL B 502 2.58 7.48 7.63
N PRO B 503 3.08 6.82 6.58
CA PRO B 503 4.37 6.10 6.67
C PRO B 503 5.50 7.07 6.98
N GLU B 504 6.46 6.64 7.78
CA GLU B 504 7.65 7.44 8.05
C GLU B 504 8.32 7.89 6.72
N SER B 505 8.29 7.03 5.68
CA SER B 505 8.85 7.38 4.37
C SER B 505 8.17 8.62 3.72
N SER B 506 6.85 8.74 3.83
CA SER B 506 6.16 9.95 3.37
C SER B 506 6.50 11.16 4.23
N LEU B 507 6.60 10.99 5.55
CA LEU B 507 7.00 12.09 6.45
C LEU B 507 8.39 12.63 6.07
N GLN B 508 9.28 11.73 5.71
CA GLN B 508 10.63 12.08 5.24
C GLN B 508 10.58 12.74 3.87
N ASP B 509 9.77 12.22 2.95
CA ASP B 509 9.60 12.88 1.65
C ASP B 509 9.11 14.32 1.82
N CYS B 510 8.12 14.53 2.70
CA CYS B 510 7.61 15.87 2.98
C CYS B 510 8.65 16.78 3.65
N ALA B 511 9.47 16.23 4.54
CA ALA B 511 10.60 16.98 5.09
C ALA B 511 11.54 17.41 3.97
N PHE B 512 11.77 16.53 2.99
CA PHE B 512 12.61 16.88 1.85
C PHE B 512 12.00 18.05 1.06
N TRP B 513 10.72 17.98 0.72
CA TRP B 513 10.08 19.09 0.01
C TRP B 513 10.10 20.38 0.83
N LYS B 514 9.98 20.23 2.14
CA LYS B 514 10.02 21.38 3.04
C LYS B 514 11.39 22.11 2.97
N SER B 515 12.48 21.37 2.78
CA SER B 515 13.80 21.99 2.67
C SER B 515 13.94 22.81 1.39
N LEU B 516 12.97 22.68 0.47
CA LEU B 516 13.05 23.33 -0.84
C LEU B 516 12.03 24.46 -1.00
N THR B 517 11.37 24.88 0.07
CA THR B 517 10.32 25.89 -0.07
C THR B 517 10.90 27.23 -0.58
N VAL B 518 12.14 27.56 -0.21
CA VAL B 518 12.75 28.83 -0.71
C VAL B 518 12.96 28.84 -2.24
N PRO B 519 13.75 27.93 -2.81
CA PRO B 519 13.90 27.92 -4.29
C PRO B 519 12.57 27.71 -5.04
N MET B 520 11.67 26.88 -4.49
CA MET B 520 10.39 26.61 -5.13
C MET B 520 9.36 27.73 -4.98
N GLU B 521 9.62 28.64 -4.01
CA GLU B 521 8.73 29.75 -3.64
C GLU B 521 7.30 29.27 -3.32
N VAL B 522 7.20 28.36 -2.36
CA VAL B 522 5.91 27.88 -1.91
C VAL B 522 5.79 28.01 -0.39
#